data_8IBR
#
_entry.id   8IBR
#
_cell.length_a   145.642
_cell.length_b   145.642
_cell.length_c   66.845
_cell.angle_alpha   90.00
_cell.angle_beta   90.00
_cell.angle_gamma   120.00
#
_symmetry.space_group_name_H-M   'P 3 2 1'
#
loop_
_entity.id
_entity.type
_entity.pdbx_description
1 polymer Beta-galactosidase
2 non-polymer GLYCEROL
3 non-polymer DI(HYDROXYETHYL)ETHER
4 water water
#
_entity_poly.entity_id   1
_entity_poly.type   'polypeptide(L)'
_entity_poly.pdbx_seq_one_letter_code
;MEHRAFKWPQPLAGNKPRIWYGGDYNPDQWPEEVWDEDVALMQQAGVNLVSVAIFSWAKLEPEEGVYDFDWLDRVIDKLG
KAGIAVDLASGTASPPMWMTQAHPEILWVDYRGDVCQPGARQHWRATSPVFLDYALNLCRKMAEHYKDNPYVVSWHVSNE
YGCHNRFDYSEDAERAFQKWCEKKYGTIDAVNDAWGTAFWAQRMNNFSEIIPPRFIGDGNFMNPGKLLDWKRFSSDALLD
FYKAERDALLEIAPKPQTTNFMVSAGCTVLDYDKWGHDVDFVSNDHYFSPGEAHFDEMAYAACLTDGIARKNPWFLMEHS
TSAVNWRPTNYRLEPGELVRDSLAHLAMGADAICYFQWRQSKAGAEKWHSAMVPHAGPDSQIFRDVCELGADLNKLADEG
LLSTKLVKSKVAIVFDYESQWATEHTATPTQEVRHWTEPLDWFRALADNGLTADVVPVRGPWDEYEAVVLPSLAILSEQT
TRRVREYVANGGKLFVTYYTGLVDDRDHVWLGGYPGSIRDVVGVRVEEFAPMGTDAPGTMDHLDLDNGTVAHDFADVITS
VADTAHVVASFKADKWTGFDGAPAITVNDFGDGKAAYVGARLGREGLAKSLPALLEELGIETSAEDDRGEVLRVERADET
GENHFVFLFNRTHDVAVVDVEGEPLVASLAQVNESEHTAAIQPNGVLVVKLAAALEHHHHHH
;
_entity_poly.pdbx_strand_id   A
#
# COMPACT_ATOMS: atom_id res chain seq x y z
N MET A 1 14.03 -12.76 -9.29
CA MET A 1 13.72 -11.33 -9.00
C MET A 1 14.51 -10.91 -7.75
N GLU A 2 15.60 -10.17 -7.94
CA GLU A 2 16.41 -9.70 -6.84
C GLU A 2 15.98 -8.28 -6.47
N HIS A 3 16.15 -7.91 -5.21
CA HIS A 3 16.02 -6.51 -4.80
C HIS A 3 17.34 -5.81 -5.08
N ARG A 4 17.29 -4.50 -5.27
CA ARG A 4 18.50 -3.71 -5.29
C ARG A 4 19.16 -3.68 -3.93
N ALA A 5 20.47 -3.42 -3.88
CA ALA A 5 21.09 -3.18 -2.59
C ALA A 5 20.41 -2.00 -1.91
N PHE A 6 20.16 -2.16 -0.61
CA PHE A 6 19.53 -1.15 0.20
C PHE A 6 20.46 0.05 0.34
N LYS A 7 19.94 1.25 0.12
CA LYS A 7 20.66 2.48 0.37
C LYS A 7 19.66 3.45 0.99
N TRP A 8 20.17 4.34 1.83
CA TRP A 8 19.34 5.26 2.61
C TRP A 8 19.96 6.66 2.53
N PRO A 9 19.17 7.76 2.41
CA PRO A 9 19.75 9.09 2.37
C PRO A 9 20.57 9.36 3.63
N GLN A 10 21.79 9.82 3.41
CA GLN A 10 22.76 9.96 4.49
C GLN A 10 22.77 11.41 5.01
N PRO A 11 23.24 11.68 6.25
CA PRO A 11 23.30 13.03 6.82
C PRO A 11 24.15 13.96 5.99
N LEU A 12 23.86 15.29 6.06
CA LEU A 12 24.81 16.28 5.60
C LEU A 12 26.10 16.16 6.42
N ALA A 13 27.21 16.52 5.80
CA ALA A 13 28.51 16.48 6.46
C ALA A 13 28.45 17.24 7.80
N GLY A 14 28.88 16.58 8.86
CA GLY A 14 28.90 17.18 10.18
C GLY A 14 27.66 16.86 11.00
N ASN A 15 26.61 16.27 10.38
CA ASN A 15 25.39 15.93 11.12
C ASN A 15 25.40 14.48 11.50
N LYS A 16 24.68 14.15 12.57
CA LYS A 16 24.48 12.77 12.95
C LYS A 16 23.18 12.25 12.32
N PRO A 17 23.00 10.92 12.19
CA PRO A 17 21.76 10.38 11.66
C PRO A 17 20.56 10.77 12.49
N ARG A 18 19.44 11.05 11.80
CA ARG A 18 18.19 11.42 12.43
C ARG A 18 17.05 10.70 11.72
N ILE A 19 15.92 10.54 12.41
CA ILE A 19 14.67 10.23 11.72
C ILE A 19 14.37 11.42 10.81
N TRP A 20 14.41 11.19 9.50
CA TRP A 20 14.23 12.33 8.63
C TRP A 20 12.82 12.89 8.85
N TYR A 21 12.68 14.22 8.88
CA TYR A 21 11.41 14.85 9.16
C TYR A 21 11.22 16.09 8.29
N GLY A 22 10.08 16.14 7.59
CA GLY A 22 9.84 17.30 6.74
C GLY A 22 8.68 17.07 5.78
N GLY A 23 8.88 17.38 4.49
CA GLY A 23 7.74 17.43 3.59
C GLY A 23 8.13 17.89 2.18
N ASP A 24 7.17 17.78 1.25
CA ASP A 24 7.28 18.45 -0.03
C ASP A 24 7.32 19.95 0.20
N TYR A 25 8.21 20.64 -0.53
CA TYR A 25 8.45 22.06 -0.36
C TYR A 25 8.42 22.67 -1.76
N ASN A 26 7.57 23.69 -1.96
CA ASN A 26 7.35 24.30 -3.26
C ASN A 26 7.58 25.80 -3.19
N PRO A 27 8.85 26.24 -3.03
CA PRO A 27 9.18 27.65 -2.97
C PRO A 27 8.80 28.41 -4.24
N ASP A 28 8.73 27.65 -5.35
CA ASP A 28 8.38 28.23 -6.63
C ASP A 28 6.94 28.75 -6.64
N GLN A 29 6.10 28.47 -5.65
CA GLN A 29 4.76 29.02 -5.64
C GLN A 29 4.73 30.37 -4.92
N TRP A 30 5.85 30.74 -4.28
CA TRP A 30 5.85 31.90 -3.38
C TRP A 30 6.94 32.90 -3.76
N PRO A 31 6.74 34.19 -3.44
CA PRO A 31 7.83 35.15 -3.61
C PRO A 31 9.01 34.80 -2.71
N GLU A 32 10.20 35.17 -3.17
CA GLU A 32 11.41 34.68 -2.53
C GLU A 32 11.56 35.10 -1.08
N GLU A 33 11.01 36.26 -0.69
CA GLU A 33 11.07 36.67 0.73
C GLU A 33 10.45 35.62 1.66
N VAL A 34 9.45 34.88 1.16
CA VAL A 34 8.81 33.86 1.97
C VAL A 34 9.81 32.76 2.33
N TRP A 35 10.77 32.47 1.42
CA TRP A 35 11.70 31.37 1.64
C TRP A 35 12.51 31.57 2.93
N ASP A 36 12.82 32.82 3.33
CA ASP A 36 13.66 33.00 4.52
C ASP A 36 12.82 32.70 5.77
N GLU A 37 11.51 33.00 5.73
CA GLU A 37 10.62 32.61 6.84
C GLU A 37 10.43 31.09 6.85
N ASP A 38 10.32 30.46 5.68
CA ASP A 38 10.19 29.00 5.60
C ASP A 38 11.35 28.30 6.33
N VAL A 39 12.58 28.71 6.06
CA VAL A 39 13.77 28.12 6.68
C VAL A 39 13.79 28.30 8.21
N ALA A 40 13.47 29.52 8.70
CA ALA A 40 13.41 29.77 10.13
C ALA A 40 12.31 28.94 10.83
N LEU A 41 11.10 28.79 10.22
CA LEU A 41 10.05 27.93 10.76
C LEU A 41 10.45 26.44 10.75
N MET A 42 11.13 26.00 9.71
CA MET A 42 11.57 24.61 9.61
C MET A 42 12.53 24.27 10.74
N GLN A 43 13.42 25.22 11.08
CA GLN A 43 14.35 25.03 12.18
C GLN A 43 13.54 24.92 13.47
N GLN A 44 12.50 25.77 13.62
CA GLN A 44 11.70 25.76 14.84
C GLN A 44 10.97 24.42 14.97
N ALA A 45 10.57 23.88 13.82
CA ALA A 45 9.78 22.67 13.83
C ALA A 45 10.66 21.40 13.94
N GLY A 46 11.99 21.53 13.78
CA GLY A 46 12.86 20.37 13.81
C GLY A 46 12.92 19.62 12.48
N VAL A 47 12.45 20.27 11.41
CA VAL A 47 12.49 19.76 10.05
C VAL A 47 13.96 19.67 9.59
N ASN A 48 14.36 18.52 9.02
CA ASN A 48 15.73 18.28 8.64
C ASN A 48 15.88 17.80 7.18
N LEU A 49 14.74 17.67 6.46
CA LEU A 49 14.73 17.23 5.08
C LEU A 49 13.47 17.72 4.40
N VAL A 50 13.60 18.17 3.14
CA VAL A 50 12.45 18.54 2.33
C VAL A 50 12.69 18.05 0.92
N SER A 51 11.56 17.84 0.22
CA SER A 51 11.55 17.35 -1.14
C SER A 51 11.12 18.45 -2.10
N VAL A 52 11.99 18.81 -3.07
CA VAL A 52 11.90 20.03 -3.84
C VAL A 52 11.94 19.71 -5.35
N ALA A 53 11.23 20.55 -6.12
CA ALA A 53 11.19 20.59 -7.58
C ALA A 53 10.31 19.51 -8.19
N ILE A 54 9.41 18.89 -7.42
CA ILE A 54 8.67 17.72 -7.93
C ILE A 54 7.87 18.08 -9.18
N PHE A 55 7.23 19.27 -9.19
CA PHE A 55 6.40 19.66 -10.31
C PHE A 55 6.91 20.93 -10.96
N SER A 56 8.24 21.11 -10.96
CA SER A 56 8.85 22.40 -11.29
C SER A 56 9.31 22.46 -12.74
N TRP A 57 8.89 21.52 -13.61
CA TRP A 57 9.38 21.48 -14.99
C TRP A 57 9.22 22.80 -15.75
N ALA A 58 8.06 23.46 -15.60
CA ALA A 58 7.75 24.67 -16.32
C ALA A 58 8.60 25.84 -15.84
N LYS A 59 9.31 25.69 -14.71
CA LYS A 59 10.25 26.73 -14.29
C LYS A 59 11.70 26.34 -14.59
N LEU A 60 12.02 25.02 -14.51
CA LEU A 60 13.36 24.49 -14.73
C LEU A 60 13.68 24.57 -16.24
N GLU A 61 12.69 24.26 -17.09
CA GLU A 61 12.83 24.32 -18.55
C GLU A 61 11.70 25.18 -19.11
N PRO A 62 11.78 26.52 -19.02
CA PRO A 62 10.64 27.39 -19.36
C PRO A 62 10.26 27.46 -20.85
N GLU A 63 11.23 27.12 -21.72
CA GLU A 63 11.05 26.89 -23.13
C GLU A 63 11.95 25.72 -23.53
N GLU A 64 11.73 25.15 -24.72
CA GLU A 64 12.51 23.99 -25.12
C GLU A 64 14.00 24.36 -25.21
N GLY A 65 14.83 23.58 -24.53
CA GLY A 65 16.28 23.70 -24.54
C GLY A 65 16.82 24.89 -23.78
N VAL A 66 16.01 25.58 -22.95
CA VAL A 66 16.46 26.67 -22.09
C VAL A 66 16.25 26.22 -20.64
N TYR A 67 17.30 26.33 -19.81
CA TYR A 67 17.28 25.86 -18.43
C TYR A 67 17.50 27.04 -17.50
N ASP A 68 16.71 27.06 -16.43
CA ASP A 68 16.77 28.08 -15.42
C ASP A 68 16.86 27.38 -14.07
N PHE A 69 18.09 27.20 -13.58
CA PHE A 69 18.31 26.53 -12.30
C PHE A 69 18.67 27.51 -11.17
N ASP A 70 18.79 28.81 -11.44
CA ASP A 70 19.40 29.67 -10.42
C ASP A 70 18.51 29.77 -9.16
N TRP A 71 17.20 29.91 -9.34
CA TRP A 71 16.27 29.95 -8.20
C TRP A 71 16.43 28.73 -7.29
N LEU A 72 16.55 27.54 -7.89
CA LEU A 72 16.64 26.28 -7.17
C LEU A 72 18.01 26.18 -6.48
N ASP A 73 19.08 26.60 -7.16
CA ASP A 73 20.38 26.69 -6.51
C ASP A 73 20.32 27.56 -5.27
N ARG A 74 19.60 28.70 -5.36
CA ARG A 74 19.54 29.63 -4.25
C ARG A 74 18.73 29.03 -3.08
N VAL A 75 17.60 28.36 -3.34
CA VAL A 75 16.82 27.89 -2.19
C VAL A 75 17.54 26.68 -1.54
N ILE A 76 18.22 25.86 -2.34
CA ILE A 76 18.95 24.70 -1.84
C ILE A 76 20.12 25.17 -0.98
N ASP A 77 20.77 26.27 -1.37
CA ASP A 77 21.82 26.84 -0.53
C ASP A 77 21.26 27.34 0.82
N LYS A 78 20.10 28.00 0.81
CA LYS A 78 19.51 28.49 2.05
C LYS A 78 19.17 27.35 3.00
N LEU A 79 18.56 26.27 2.43
CA LEU A 79 18.17 25.12 3.22
C LEU A 79 19.42 24.47 3.84
N GLY A 80 20.43 24.30 3.02
CA GLY A 80 21.60 23.53 3.38
C GLY A 80 22.42 24.28 4.44
N LYS A 81 22.48 25.61 4.29
CA LYS A 81 23.23 26.42 5.25
C LYS A 81 22.52 26.35 6.61
N ALA A 82 21.21 26.12 6.60
CA ALA A 82 20.42 25.95 7.83
C ALA A 82 20.43 24.53 8.36
N GLY A 83 21.17 23.62 7.70
CA GLY A 83 21.29 22.24 8.15
C GLY A 83 20.15 21.33 7.67
N ILE A 84 19.34 21.82 6.72
CA ILE A 84 18.24 21.06 6.13
C ILE A 84 18.67 20.40 4.82
N ALA A 85 18.50 19.07 4.73
CA ALA A 85 18.88 18.31 3.56
C ALA A 85 17.77 18.36 2.51
N VAL A 86 18.14 18.16 1.23
CA VAL A 86 17.21 18.17 0.10
C VAL A 86 17.15 16.79 -0.55
N ASP A 87 15.91 16.27 -0.62
CA ASP A 87 15.51 15.16 -1.47
C ASP A 87 15.08 15.78 -2.79
N LEU A 88 15.97 15.73 -3.81
CA LEU A 88 15.72 16.47 -5.02
C LEU A 88 14.93 15.62 -6.01
N ALA A 89 13.92 16.23 -6.65
CA ALA A 89 13.11 15.58 -7.66
C ALA A 89 13.89 15.60 -8.98
N SER A 90 13.58 14.67 -9.88
CA SER A 90 13.92 14.76 -11.27
C SER A 90 13.25 15.97 -11.91
N GLY A 91 12.07 16.36 -11.42
CA GLY A 91 11.32 17.45 -12.02
C GLY A 91 10.39 17.00 -13.13
N THR A 92 10.37 15.69 -13.42
CA THR A 92 9.74 15.16 -14.62
C THR A 92 8.29 14.68 -14.41
N ALA A 93 7.71 14.99 -13.25
CA ALA A 93 6.43 14.39 -12.97
C ALA A 93 5.34 14.82 -13.94
N SER A 94 5.36 16.06 -14.41
CA SER A 94 4.30 16.56 -15.28
C SER A 94 4.84 17.56 -16.27
N PRO A 95 4.49 17.47 -17.57
CA PRO A 95 5.17 18.30 -18.60
C PRO A 95 4.57 19.71 -18.67
N PRO A 96 5.40 20.69 -19.07
CA PRO A 96 4.91 22.04 -19.34
C PRO A 96 4.03 22.17 -20.58
N MET A 97 3.27 23.26 -20.62
CA MET A 97 2.35 23.52 -21.70
C MET A 97 3.08 23.65 -23.04
N TRP A 98 4.30 24.21 -23.05
CA TRP A 98 4.96 24.40 -24.35
C TRP A 98 5.24 23.05 -25.00
N MET A 99 5.44 22.04 -24.15
CA MET A 99 5.84 20.73 -24.62
C MET A 99 4.64 20.00 -25.22
N THR A 100 3.49 20.00 -24.52
CA THR A 100 2.28 19.32 -24.99
C THR A 100 1.64 20.07 -26.16
N GLN A 101 1.80 21.41 -26.22
CA GLN A 101 1.32 22.20 -27.34
C GLN A 101 2.10 21.83 -28.60
N ALA A 102 3.39 21.58 -28.44
CA ALA A 102 4.24 21.25 -29.60
C ALA A 102 4.08 19.76 -29.94
N HIS A 103 3.75 18.90 -28.95
CA HIS A 103 3.75 17.45 -29.10
C HIS A 103 2.50 16.84 -28.49
N PRO A 104 1.33 17.00 -29.15
CA PRO A 104 0.09 16.41 -28.65
C PRO A 104 0.13 14.88 -28.54
N GLU A 105 1.10 14.24 -29.23
CA GLU A 105 1.22 12.78 -29.17
C GLU A 105 1.73 12.31 -27.80
N ILE A 106 2.11 13.25 -26.90
CA ILE A 106 2.54 12.94 -25.55
C ILE A 106 1.34 12.57 -24.68
N LEU A 107 0.17 13.11 -24.99
CA LEU A 107 -0.98 13.03 -24.10
C LEU A 107 -1.58 11.62 -24.12
N TRP A 108 -2.01 11.11 -22.95
CA TRP A 108 -2.58 9.77 -22.94
C TRP A 108 -4.02 9.82 -23.44
N VAL A 109 -4.47 8.65 -23.91
CA VAL A 109 -5.75 8.50 -24.58
C VAL A 109 -6.63 7.55 -23.79
N ASP A 110 -7.94 7.85 -23.66
CA ASP A 110 -8.82 7.04 -22.85
C ASP A 110 -9.38 5.90 -23.70
N TYR A 111 -10.23 5.11 -23.07
CA TYR A 111 -10.71 3.85 -23.68
C TYR A 111 -11.64 4.10 -24.86
N ARG A 112 -12.17 5.35 -24.98
CA ARG A 112 -13.06 5.69 -26.09
C ARG A 112 -12.28 6.43 -27.19
N GLY A 113 -10.98 6.68 -26.98
CA GLY A 113 -10.20 7.44 -27.96
C GLY A 113 -10.19 8.94 -27.61
N ASP A 114 -10.62 9.34 -26.41
CA ASP A 114 -10.60 10.76 -26.08
C ASP A 114 -9.27 11.08 -25.41
N VAL A 115 -8.63 12.17 -25.87
CA VAL A 115 -7.30 12.53 -25.41
C VAL A 115 -7.40 13.35 -24.14
N CYS A 116 -6.62 12.93 -23.14
CA CYS A 116 -6.50 13.64 -21.89
C CYS A 116 -5.70 14.93 -22.13
N GLN A 117 -6.27 16.08 -21.76
CA GLN A 117 -5.67 17.38 -21.97
C GLN A 117 -4.89 17.79 -20.74
N PRO A 118 -4.03 18.80 -20.91
CA PRO A 118 -3.52 19.54 -19.76
C PRO A 118 -4.62 20.27 -19.00
N GLY A 119 -4.22 20.72 -17.81
CA GLY A 119 -5.10 21.41 -16.90
C GLY A 119 -5.05 20.85 -15.49
N ALA A 120 -4.55 19.60 -15.34
CA ALA A 120 -4.22 19.00 -14.06
C ALA A 120 -2.77 18.50 -14.13
N ARG A 121 -2.51 17.19 -13.96
CA ARG A 121 -1.14 16.72 -13.93
C ARG A 121 -1.01 15.29 -14.49
N GLN A 122 0.22 14.97 -14.95
CA GLN A 122 0.63 13.61 -15.31
C GLN A 122 -0.13 13.12 -16.55
N HIS A 123 -0.42 14.03 -17.48
CA HIS A 123 -1.21 13.74 -18.67
C HIS A 123 -0.30 13.19 -19.78
N TRP A 124 0.63 12.26 -19.47
CA TRP A 124 1.55 11.73 -20.48
C TRP A 124 1.44 10.19 -20.56
N ARG A 125 1.77 9.66 -21.74
CA ARG A 125 1.70 8.24 -22.06
C ARG A 125 2.98 7.55 -21.55
N ALA A 126 2.82 6.47 -20.76
CA ALA A 126 3.94 5.64 -20.33
C ALA A 126 4.82 5.16 -21.48
N THR A 127 4.24 4.92 -22.67
CA THR A 127 4.98 4.36 -23.80
C THR A 127 5.32 5.34 -24.92
N SER A 128 5.26 6.64 -24.63
CA SER A 128 5.57 7.69 -25.57
C SER A 128 7.08 7.80 -25.73
N PRO A 129 7.62 7.52 -26.93
CA PRO A 129 9.06 7.74 -27.14
C PRO A 129 9.43 9.20 -26.95
N VAL A 130 8.62 10.14 -27.43
CA VAL A 130 9.04 11.55 -27.37
C VAL A 130 8.99 12.05 -25.92
N PHE A 131 8.01 11.61 -25.13
CA PHE A 131 8.02 12.06 -23.73
C PHE A 131 9.21 11.47 -22.97
N LEU A 132 9.52 10.21 -23.22
CA LEU A 132 10.75 9.66 -22.62
C LEU A 132 11.97 10.49 -22.95
N ASP A 133 12.16 10.87 -24.22
CA ASP A 133 13.32 11.67 -24.58
C ASP A 133 13.37 12.98 -23.77
N TYR A 134 12.23 13.68 -23.68
CA TYR A 134 12.13 14.91 -22.90
C TYR A 134 12.44 14.69 -21.41
N ALA A 135 11.93 13.60 -20.85
CA ALA A 135 12.15 13.31 -19.44
C ALA A 135 13.62 12.95 -19.18
N LEU A 136 14.22 12.06 -20.00
CA LEU A 136 15.60 11.68 -19.75
C LEU A 136 16.50 12.90 -19.87
N ASN A 137 16.17 13.83 -20.80
CA ASN A 137 16.94 15.05 -21.02
C ASN A 137 16.95 15.88 -19.74
N LEU A 138 15.77 16.11 -19.16
CA LEU A 138 15.73 16.88 -17.93
C LEU A 138 16.48 16.15 -16.81
N CYS A 139 16.31 14.82 -16.70
CA CYS A 139 17.03 14.05 -15.67
C CYS A 139 18.53 14.34 -15.78
N ARG A 140 19.05 14.29 -17.01
CA ARG A 140 20.48 14.46 -17.19
C ARG A 140 20.93 15.88 -16.86
N LYS A 141 20.14 16.88 -17.25
CA LYS A 141 20.49 18.26 -16.95
C LYS A 141 20.48 18.47 -15.43
N MET A 142 19.46 17.94 -14.75
CA MET A 142 19.40 17.99 -13.30
C MET A 142 20.59 17.29 -12.64
N ALA A 143 20.85 16.04 -13.03
CA ALA A 143 21.96 15.30 -12.45
C ALA A 143 23.30 16.01 -12.66
N GLU A 144 23.55 16.52 -13.87
CA GLU A 144 24.82 17.17 -14.13
C GLU A 144 24.96 18.42 -13.24
N HIS A 145 23.89 19.17 -13.09
CA HIS A 145 23.91 20.40 -12.31
C HIS A 145 24.06 20.13 -10.81
N TYR A 146 23.46 19.03 -10.30
CA TYR A 146 23.42 18.81 -8.85
C TYR A 146 24.37 17.70 -8.39
N LYS A 147 25.20 17.17 -9.28
CA LYS A 147 25.98 15.98 -8.97
C LYS A 147 26.91 16.26 -7.80
N ASP A 148 27.43 17.49 -7.66
CA ASP A 148 28.39 17.79 -6.58
C ASP A 148 27.81 18.70 -5.49
N ASN A 149 26.49 18.82 -5.47
CA ASN A 149 25.87 19.71 -4.51
C ASN A 149 25.89 19.01 -3.16
N PRO A 150 26.51 19.61 -2.12
CA PRO A 150 26.64 18.94 -0.82
C PRO A 150 25.36 18.84 0.00
N TYR A 151 24.24 19.43 -0.48
CA TYR A 151 23.03 19.45 0.34
C TYR A 151 21.95 18.52 -0.23
N VAL A 152 22.22 17.92 -1.40
CA VAL A 152 21.31 16.95 -2.03
C VAL A 152 21.71 15.53 -1.62
N VAL A 153 20.79 14.87 -0.87
CA VAL A 153 21.08 13.59 -0.23
C VAL A 153 20.41 12.43 -0.97
N SER A 154 19.44 12.73 -1.82
CA SER A 154 18.67 11.69 -2.50
C SER A 154 17.95 12.25 -3.73
N TRP A 155 17.50 11.32 -4.60
CA TRP A 155 16.63 11.60 -5.72
C TRP A 155 15.21 11.07 -5.48
N HIS A 156 14.23 11.91 -5.81
CA HIS A 156 12.82 11.61 -5.76
C HIS A 156 12.35 11.56 -7.22
N VAL A 157 12.30 10.37 -7.82
CA VAL A 157 12.19 10.24 -9.26
C VAL A 157 10.70 10.41 -9.65
N SER A 158 10.39 11.40 -10.50
CA SER A 158 9.01 11.70 -10.90
C SER A 158 8.10 11.85 -9.66
N ASN A 159 6.88 11.33 -9.74
CA ASN A 159 5.95 11.40 -8.62
C ASN A 159 4.77 10.46 -8.86
N GLU A 160 4.47 9.55 -7.89
CA GLU A 160 3.30 8.67 -7.95
C GLU A 160 2.95 8.23 -9.39
N TYR A 161 3.87 7.52 -9.99
CA TYR A 161 3.60 6.96 -11.32
C TYR A 161 2.24 6.24 -11.35
N GLY A 162 1.44 6.51 -12.37
CA GLY A 162 0.19 5.78 -12.54
C GLY A 162 -1.01 6.30 -11.73
N CYS A 163 -0.86 7.37 -10.94
CA CYS A 163 -1.95 7.90 -10.15
C CYS A 163 -3.05 8.36 -11.11
N HIS A 164 -2.63 8.89 -12.28
CA HIS A 164 -3.50 9.49 -13.28
C HIS A 164 -3.30 8.83 -14.65
N ASN A 165 -2.09 8.28 -14.92
CA ASN A 165 -1.76 7.80 -16.27
C ASN A 165 -1.50 6.29 -16.31
N ARG A 166 -2.09 5.56 -15.35
CA ARG A 166 -2.01 4.11 -15.36
C ARG A 166 -2.39 3.52 -16.72
N PHE A 167 -3.50 3.99 -17.29
CA PHE A 167 -4.06 3.40 -18.50
C PHE A 167 -3.96 4.37 -19.68
N ASP A 168 -3.33 3.94 -20.75
CA ASP A 168 -3.28 4.67 -22.02
C ASP A 168 -3.74 3.72 -23.14
N TYR A 169 -4.61 4.19 -24.04
CA TYR A 169 -5.16 3.33 -25.08
C TYR A 169 -4.72 3.85 -26.46
N SER A 170 -3.69 4.71 -26.46
CA SER A 170 -3.08 5.21 -27.72
C SER A 170 -2.52 4.12 -28.62
N GLU A 171 -2.05 4.56 -29.80
CA GLU A 171 -1.34 3.68 -30.68
C GLU A 171 0.00 3.27 -30.07
N ASP A 172 0.62 4.15 -29.26
CA ASP A 172 1.85 3.76 -28.59
C ASP A 172 1.59 2.54 -27.67
N ALA A 173 0.53 2.63 -26.83
CA ALA A 173 0.23 1.55 -25.92
C ALA A 173 -0.18 0.29 -26.69
N GLU A 174 -0.90 0.45 -27.82
CA GLU A 174 -1.23 -0.69 -28.68
C GLU A 174 0.03 -1.45 -29.11
N ARG A 175 1.01 -0.72 -29.65
CA ARG A 175 2.25 -1.36 -30.05
C ARG A 175 2.98 -1.98 -28.87
N ALA A 176 3.05 -1.27 -27.74
CA ALA A 176 3.84 -1.74 -26.59
C ALA A 176 3.20 -2.96 -25.93
N PHE A 177 1.84 -3.03 -25.95
CA PHE A 177 1.14 -4.17 -25.39
C PHE A 177 1.37 -5.41 -26.27
N GLN A 178 1.44 -5.23 -27.59
CA GLN A 178 1.73 -6.36 -28.47
C GLN A 178 3.11 -6.91 -28.15
N LYS A 179 4.09 -6.04 -27.94
CA LYS A 179 5.46 -6.45 -27.67
C LYS A 179 5.56 -7.11 -26.30
N TRP A 180 4.97 -6.48 -25.28
CA TRP A 180 4.85 -7.11 -23.97
C TRP A 180 4.31 -8.55 -24.03
N CYS A 181 3.18 -8.78 -24.69
CA CYS A 181 2.60 -10.10 -24.81
C CYS A 181 3.55 -11.08 -25.50
N GLU A 182 4.27 -10.60 -26.54
CA GLU A 182 5.18 -11.48 -27.21
C GLU A 182 6.32 -11.85 -26.29
N LYS A 183 6.80 -10.88 -25.52
CA LYS A 183 7.91 -11.12 -24.62
C LYS A 183 7.51 -11.95 -23.39
N LYS A 184 6.21 -12.00 -23.09
CA LYS A 184 5.70 -12.83 -21.99
C LYS A 184 5.42 -14.26 -22.44
N TYR A 185 4.77 -14.41 -23.62
CA TYR A 185 4.16 -15.67 -24.03
C TYR A 185 4.94 -16.39 -25.13
N GLY A 186 5.67 -15.65 -25.96
CA GLY A 186 6.50 -16.23 -27.00
C GLY A 186 5.77 -16.46 -28.32
N THR A 187 4.60 -17.09 -28.28
CA THR A 187 3.83 -17.36 -29.47
C THR A 187 2.42 -16.82 -29.33
N ILE A 188 1.78 -16.60 -30.45
CA ILE A 188 0.39 -16.16 -30.44
C ILE A 188 -0.51 -17.31 -29.96
N ASP A 189 -0.10 -18.57 -30.19
CA ASP A 189 -0.89 -19.69 -29.69
C ASP A 189 -0.96 -19.66 -28.17
N ALA A 190 0.16 -19.34 -27.51
CA ALA A 190 0.19 -19.24 -26.07
C ALA A 190 -0.71 -18.12 -25.53
N VAL A 191 -0.78 -16.99 -26.24
CA VAL A 191 -1.70 -15.90 -25.91
C VAL A 191 -3.16 -16.35 -26.07
N ASN A 192 -3.47 -17.02 -27.18
CA ASN A 192 -4.81 -17.52 -27.45
C ASN A 192 -5.31 -18.47 -26.33
N ASP A 193 -4.42 -19.37 -25.86
CA ASP A 193 -4.79 -20.31 -24.82
CA ASP A 193 -4.76 -20.32 -24.81
C ASP A 193 -4.96 -19.59 -23.48
N ALA A 194 -4.03 -18.70 -23.16
CA ALA A 194 -4.08 -17.95 -21.91
C ALA A 194 -5.40 -17.18 -21.82
N TRP A 195 -5.74 -16.53 -22.93
CA TRP A 195 -6.94 -15.68 -22.88
C TRP A 195 -8.23 -16.42 -23.19
N GLY A 196 -8.16 -17.72 -23.47
CA GLY A 196 -9.38 -18.45 -23.79
C GLY A 196 -10.11 -17.93 -25.03
N THR A 197 -9.39 -17.73 -26.15
CA THR A 197 -9.95 -16.95 -27.22
C THR A 197 -10.86 -17.80 -28.09
N ALA A 198 -10.88 -19.12 -27.90
CA ALA A 198 -11.87 -19.94 -28.62
C ALA A 198 -13.31 -19.48 -28.33
N PHE A 199 -13.51 -18.83 -27.18
CA PHE A 199 -14.78 -18.28 -26.77
C PHE A 199 -15.03 -16.93 -27.46
N TRP A 200 -16.22 -16.80 -28.07
CA TRP A 200 -16.69 -15.59 -28.72
C TRP A 200 -15.82 -15.16 -29.90
N ALA A 201 -15.26 -16.12 -30.65
CA ALA A 201 -14.59 -15.83 -31.94
C ALA A 201 -13.49 -14.79 -31.79
N GLN A 202 -12.64 -14.93 -30.77
CA GLN A 202 -11.56 -13.99 -30.46
C GLN A 202 -10.15 -14.49 -30.81
N ARG A 203 -10.04 -15.68 -31.45
CA ARG A 203 -8.76 -16.28 -31.73
C ARG A 203 -8.00 -15.45 -32.76
N MET A 204 -6.73 -15.23 -32.46
CA MET A 204 -5.87 -14.35 -33.23
C MET A 204 -4.92 -15.15 -34.10
N ASN A 205 -4.59 -14.60 -35.28
CA ASN A 205 -3.63 -15.25 -36.19
C ASN A 205 -2.18 -14.81 -35.92
N ASN A 206 -1.97 -13.62 -35.33
CA ASN A 206 -0.63 -13.12 -35.06
C ASN A 206 -0.74 -11.98 -34.04
N PHE A 207 0.42 -11.46 -33.62
CA PHE A 207 0.47 -10.48 -32.56
C PHE A 207 -0.20 -9.17 -32.93
N SER A 208 -0.22 -8.81 -34.22
CA SER A 208 -0.88 -7.58 -34.67
C SER A 208 -2.38 -7.56 -34.36
N GLU A 209 -3.00 -8.70 -34.05
CA GLU A 209 -4.42 -8.77 -33.74
C GLU A 209 -4.65 -8.67 -32.22
N ILE A 210 -3.59 -8.42 -31.44
CA ILE A 210 -3.77 -8.03 -30.04
C ILE A 210 -4.06 -6.54 -29.98
N ILE A 211 -5.24 -6.18 -29.46
CA ILE A 211 -5.60 -4.79 -29.26
C ILE A 211 -5.87 -4.55 -27.77
N PRO A 212 -5.69 -3.31 -27.29
CA PRO A 212 -6.06 -2.97 -25.91
C PRO A 212 -7.53 -3.19 -25.63
N PRO A 213 -7.92 -3.34 -24.34
CA PRO A 213 -9.33 -3.43 -23.98
C PRO A 213 -10.05 -2.07 -24.05
N ARG A 214 -10.11 -1.49 -25.25
CA ARG A 214 -10.85 -0.25 -25.52
C ARG A 214 -12.36 -0.44 -25.29
N PHE A 215 -13.10 0.65 -25.54
CA PHE A 215 -14.55 0.70 -25.54
C PHE A 215 -15.18 -0.43 -26.32
N ILE A 216 -16.07 -1.19 -25.63
CA ILE A 216 -16.79 -2.32 -26.23
C ILE A 216 -18.29 -2.19 -26.00
N GLY A 217 -18.76 -0.98 -25.69
CA GLY A 217 -20.14 -0.74 -25.34
C GLY A 217 -20.26 -0.90 -23.81
N ASP A 218 -20.83 0.08 -23.13
CA ASP A 218 -20.73 0.05 -21.68
C ASP A 218 -21.66 -1.05 -21.16
N GLY A 219 -21.18 -1.84 -20.20
CA GLY A 219 -21.97 -2.95 -19.69
C GLY A 219 -21.57 -4.28 -20.33
N ASN A 220 -20.84 -4.28 -21.46
CA ASN A 220 -20.44 -5.52 -22.06
C ASN A 220 -19.16 -6.05 -21.40
N PHE A 221 -18.85 -7.32 -21.66
CA PHE A 221 -17.86 -8.04 -20.85
C PHE A 221 -16.57 -8.25 -21.63
N MET A 222 -15.50 -7.59 -21.20
CA MET A 222 -14.19 -7.67 -21.83
C MET A 222 -13.57 -9.03 -21.54
N ASN A 223 -12.74 -9.49 -22.45
CA ASN A 223 -11.98 -10.72 -22.24
C ASN A 223 -11.16 -10.61 -20.93
N PRO A 224 -11.42 -11.47 -19.93
CA PRO A 224 -10.83 -11.24 -18.63
C PRO A 224 -9.32 -11.52 -18.56
N GLY A 225 -8.83 -12.54 -19.26
CA GLY A 225 -7.40 -12.75 -19.35
C GLY A 225 -6.69 -11.54 -19.95
N LYS A 226 -7.33 -10.94 -20.97
CA LYS A 226 -6.73 -9.77 -21.62
C LYS A 226 -6.74 -8.57 -20.67
N LEU A 227 -7.80 -8.39 -19.88
CA LEU A 227 -7.91 -7.25 -18.96
C LEU A 227 -6.85 -7.38 -17.86
N LEU A 228 -6.67 -8.62 -17.34
CA LEU A 228 -5.70 -8.91 -16.29
C LEU A 228 -4.29 -8.59 -16.80
N ASP A 229 -4.00 -9.07 -18.01
CA ASP A 229 -2.70 -8.79 -18.61
C ASP A 229 -2.51 -7.28 -18.88
N TRP A 230 -3.60 -6.60 -19.26
CA TRP A 230 -3.55 -5.16 -19.45
C TRP A 230 -3.07 -4.44 -18.18
N LYS A 231 -3.54 -4.88 -17.01
CA LYS A 231 -3.16 -4.24 -15.77
C LYS A 231 -1.70 -4.56 -15.44
N ARG A 232 -1.25 -5.77 -15.76
CA ARG A 232 0.14 -6.12 -15.54
C ARG A 232 1.05 -5.32 -16.47
N PHE A 233 0.65 -5.27 -17.74
CA PHE A 233 1.35 -4.47 -18.76
C PHE A 233 1.45 -2.98 -18.39
N SER A 234 0.35 -2.41 -17.94
CA SER A 234 0.29 -1.00 -17.56
C SER A 234 1.26 -0.69 -16.41
N SER A 235 1.29 -1.56 -15.39
CA SER A 235 2.26 -1.43 -14.30
C SER A 235 3.69 -1.60 -14.82
N ASP A 236 3.96 -2.60 -15.69
CA ASP A 236 5.28 -2.82 -16.24
C ASP A 236 5.73 -1.65 -17.10
N ALA A 237 4.80 -1.02 -17.84
CA ALA A 237 5.22 0.00 -18.79
C ALA A 237 5.74 1.22 -17.99
N LEU A 238 5.07 1.51 -16.86
CA LEU A 238 5.47 2.64 -16.02
C LEU A 238 6.74 2.24 -15.26
N LEU A 239 6.89 0.95 -14.91
CA LEU A 239 8.13 0.50 -14.28
C LEU A 239 9.34 0.71 -15.20
N ASP A 240 9.19 0.35 -16.47
CA ASP A 240 10.19 0.59 -17.48
C ASP A 240 10.57 2.07 -17.53
N PHE A 241 9.56 2.95 -17.52
CA PHE A 241 9.79 4.38 -17.55
C PHE A 241 10.61 4.80 -16.32
N TYR A 242 10.17 4.37 -15.11
CA TYR A 242 10.86 4.68 -13.87
C TYR A 242 12.32 4.23 -13.92
N LYS A 243 12.56 3.00 -14.42
CA LYS A 243 13.90 2.46 -14.42
C LYS A 243 14.82 3.26 -15.35
N ALA A 244 14.25 3.75 -16.46
CA ALA A 244 15.02 4.56 -17.41
C ALA A 244 15.37 5.93 -16.79
N GLU A 245 14.42 6.57 -16.09
CA GLU A 245 14.71 7.85 -15.43
C GLU A 245 15.78 7.64 -14.35
N ARG A 246 15.53 6.67 -13.47
CA ARG A 246 16.49 6.28 -12.45
C ARG A 246 17.90 6.15 -13.03
N ASP A 247 18.03 5.30 -14.06
CA ASP A 247 19.34 4.99 -14.62
C ASP A 247 20.01 6.25 -15.16
N ALA A 248 19.21 7.14 -15.78
CA ALA A 248 19.72 8.37 -16.39
C ALA A 248 20.28 9.31 -15.31
N LEU A 249 19.65 9.34 -14.12
CA LEU A 249 20.13 10.15 -13.01
C LEU A 249 21.40 9.53 -12.44
N LEU A 250 21.32 8.23 -12.15
CA LEU A 250 22.41 7.53 -11.45
C LEU A 250 23.70 7.45 -12.26
N GLU A 251 23.64 7.46 -13.60
CA GLU A 251 24.84 7.39 -14.42
C GLU A 251 25.73 8.62 -14.23
N ILE A 252 25.13 9.79 -13.93
CA ILE A 252 25.82 11.05 -13.76
C ILE A 252 26.01 11.39 -12.28
N ALA A 253 24.97 11.13 -11.46
CA ALA A 253 24.91 11.64 -10.11
C ALA A 253 24.38 10.56 -9.20
N PRO A 254 25.20 9.52 -8.89
CA PRO A 254 24.74 8.43 -8.05
C PRO A 254 24.48 8.91 -6.64
N LYS A 255 23.22 8.75 -6.18
CA LYS A 255 22.77 9.07 -4.83
C LYS A 255 21.68 8.08 -4.50
N PRO A 256 21.34 7.84 -3.23
CA PRO A 256 20.18 7.02 -2.94
C PRO A 256 18.94 7.56 -3.63
N GLN A 257 18.14 6.67 -4.19
CA GLN A 257 17.00 7.11 -4.94
C GLN A 257 15.79 6.25 -4.69
N THR A 258 14.62 6.86 -4.87
CA THR A 258 13.36 6.18 -4.67
C THR A 258 12.35 6.79 -5.61
N THR A 259 11.21 6.13 -5.77
CA THR A 259 10.00 6.80 -6.26
C THR A 259 8.88 6.50 -5.28
N ASN A 260 7.91 7.44 -5.15
CA ASN A 260 6.95 7.31 -4.06
C ASN A 260 5.75 6.47 -4.49
N PHE A 261 5.43 5.47 -3.61
CA PHE A 261 4.32 4.55 -3.84
C PHE A 261 3.02 5.07 -3.23
N MET A 262 1.89 4.38 -3.49
CA MET A 262 0.61 4.75 -2.92
C MET A 262 0.00 3.51 -2.24
N VAL A 263 0.77 2.90 -1.34
CA VAL A 263 0.35 1.69 -0.67
C VAL A 263 -0.71 2.07 0.37
N SER A 264 -1.89 1.48 0.20
CA SER A 264 -3.02 1.62 1.12
C SER A 264 -3.88 0.39 0.89
N ALA A 265 -4.81 0.07 1.80
CA ALA A 265 -5.52 -1.18 1.72
C ALA A 265 -6.17 -1.35 0.34
N GLY A 266 -6.77 -0.28 -0.22
CA GLY A 266 -7.56 -0.42 -1.43
C GLY A 266 -6.89 0.09 -2.72
N CYS A 267 -5.63 0.52 -2.67
CA CYS A 267 -4.96 1.05 -3.89
C CYS A 267 -4.10 -0.02 -4.56
N THR A 268 -4.44 -0.36 -5.81
CA THR A 268 -3.66 -1.36 -6.53
C THR A 268 -3.38 -0.92 -7.97
N VAL A 269 -3.08 0.35 -8.13
CA VAL A 269 -2.74 0.93 -9.42
C VAL A 269 -1.53 0.24 -10.06
N LEU A 270 -0.51 -0.08 -9.23
CA LEU A 270 0.70 -0.77 -9.65
C LEU A 270 0.88 -1.99 -8.78
N ASP A 271 1.63 -2.97 -9.28
CA ASP A 271 2.12 -4.02 -8.41
C ASP A 271 3.27 -3.49 -7.57
N TYR A 272 2.91 -2.91 -6.40
CA TYR A 272 3.91 -2.19 -5.63
C TYR A 272 4.99 -3.16 -5.12
N ASP A 273 4.63 -4.44 -4.88
CA ASP A 273 5.65 -5.37 -4.42
C ASP A 273 6.73 -5.54 -5.50
N LYS A 274 6.28 -5.69 -6.74
CA LYS A 274 7.21 -5.80 -7.86
C LYS A 274 8.11 -4.56 -7.93
N TRP A 275 7.47 -3.39 -7.94
CA TRP A 275 8.20 -2.12 -7.96
C TRP A 275 9.23 -2.00 -6.86
N GLY A 276 8.92 -2.52 -5.65
CA GLY A 276 9.82 -2.46 -4.54
C GLY A 276 11.19 -3.08 -4.82
N HIS A 277 11.28 -3.92 -5.87
CA HIS A 277 12.55 -4.52 -6.24
C HIS A 277 13.44 -3.55 -7.00
N ASP A 278 12.95 -2.35 -7.39
CA ASP A 278 13.71 -1.45 -8.24
C ASP A 278 14.03 -0.11 -7.55
N VAL A 279 13.58 0.11 -6.31
CA VAL A 279 13.93 1.29 -5.54
C VAL A 279 15.13 0.96 -4.63
N ASP A 280 15.91 1.98 -4.23
CA ASP A 280 17.05 1.73 -3.33
C ASP A 280 16.48 1.57 -1.92
N PHE A 281 15.38 2.31 -1.67
CA PHE A 281 14.63 2.23 -0.42
C PHE A 281 13.16 2.51 -0.75
N VAL A 282 12.23 1.89 0.01
CA VAL A 282 10.80 1.99 -0.22
C VAL A 282 10.35 3.33 0.36
N SER A 283 9.57 4.10 -0.41
CA SER A 283 8.94 5.30 0.09
C SER A 283 7.44 5.26 -0.24
N ASN A 284 6.62 5.70 0.71
CA ASN A 284 5.18 5.59 0.58
C ASN A 284 4.44 6.89 0.88
N ASP A 285 3.28 7.02 0.22
CA ASP A 285 2.32 8.11 0.40
C ASP A 285 1.02 7.49 0.89
N HIS A 286 0.63 7.86 2.12
CA HIS A 286 -0.58 7.30 2.72
C HIS A 286 -1.36 8.42 3.37
N TYR A 287 -2.66 8.47 3.07
CA TYR A 287 -3.60 9.41 3.64
C TYR A 287 -4.73 8.66 4.34
N PHE A 288 -5.16 9.21 5.48
CA PHE A 288 -6.10 8.50 6.33
C PHE A 288 -7.42 8.19 5.61
N SER A 289 -7.96 7.01 5.93
CA SER A 289 -9.32 6.59 5.60
C SER A 289 -10.30 7.20 6.58
N PRO A 290 -11.36 7.91 6.14
CA PRO A 290 -12.30 8.53 7.06
C PRO A 290 -13.04 7.54 7.96
N GLY A 291 -13.39 8.02 9.14
CA GLY A 291 -14.29 7.28 10.05
C GLY A 291 -13.54 6.23 10.88
N GLU A 292 -14.31 5.22 11.30
CA GLU A 292 -13.85 4.20 12.24
C GLU A 292 -12.62 3.44 11.72
N ALA A 293 -12.49 3.28 10.39
CA ALA A 293 -11.33 2.53 9.87
C ALA A 293 -10.00 3.27 9.98
N HIS A 294 -10.01 4.58 10.29
CA HIS A 294 -8.85 5.45 10.19
C HIS A 294 -7.57 4.80 10.76
N PHE A 295 -7.58 4.46 12.04
CA PHE A 295 -6.36 4.04 12.68
C PHE A 295 -5.93 2.67 12.13
N ASP A 296 -6.87 1.70 12.11
CA ASP A 296 -6.52 0.32 11.80
C ASP A 296 -6.02 0.26 10.33
N GLU A 297 -6.68 0.93 9.42
CA GLU A 297 -6.27 0.88 8.02
C GLU A 297 -4.91 1.50 7.80
N MET A 298 -4.57 2.60 8.51
CA MET A 298 -3.27 3.21 8.39
C MET A 298 -2.20 2.28 8.96
N ALA A 299 -2.43 1.67 10.13
CA ALA A 299 -1.49 0.70 10.65
C ALA A 299 -1.30 -0.44 9.65
N TYR A 300 -2.40 -0.96 9.09
CA TYR A 300 -2.33 -2.06 8.12
C TYR A 300 -1.49 -1.66 6.88
N ALA A 301 -1.70 -0.44 6.36
CA ALA A 301 -0.98 0.07 5.18
C ALA A 301 0.51 0.23 5.46
N ALA A 302 0.85 0.78 6.62
CA ALA A 302 2.24 0.93 7.01
C ALA A 302 2.86 -0.46 7.21
N CYS A 303 2.07 -1.37 7.76
CA CYS A 303 2.50 -2.76 7.92
C CYS A 303 2.83 -3.42 6.56
N LEU A 304 1.94 -3.30 5.57
CA LEU A 304 2.17 -3.75 4.18
C LEU A 304 3.35 -3.08 3.52
N THR A 305 3.56 -1.78 3.76
CA THR A 305 4.72 -1.08 3.28
C THR A 305 6.00 -1.77 3.78
N ASP A 306 6.00 -2.13 5.06
CA ASP A 306 7.15 -2.76 5.69
C ASP A 306 7.37 -4.16 5.09
N GLY A 307 6.28 -4.85 4.76
CA GLY A 307 6.34 -6.16 4.11
C GLY A 307 6.97 -6.06 2.71
N ILE A 308 6.58 -5.05 1.95
CA ILE A 308 7.15 -4.72 0.65
C ILE A 308 8.65 -4.44 0.79
N ALA A 309 9.03 -3.70 1.84
CA ALA A 309 10.42 -3.38 2.14
C ALA A 309 11.19 -4.59 2.70
N ARG A 310 10.55 -5.75 2.86
CA ARG A 310 11.16 -6.96 3.45
C ARG A 310 11.82 -6.64 4.80
N LYS A 311 11.14 -5.81 5.61
CA LYS A 311 11.49 -5.42 6.97
C LYS A 311 12.71 -4.49 7.04
N ASN A 312 13.28 -4.05 5.90
CA ASN A 312 14.19 -2.93 5.91
C ASN A 312 13.46 -1.66 6.33
N PRO A 313 14.14 -0.69 6.95
CA PRO A 313 13.53 0.62 7.15
C PRO A 313 13.02 1.23 5.86
N TRP A 314 11.96 2.05 5.95
CA TRP A 314 11.28 2.61 4.80
C TRP A 314 10.96 4.08 5.09
N PHE A 315 10.47 4.83 4.07
CA PHE A 315 10.40 6.29 4.10
C PHE A 315 8.94 6.69 3.90
N LEU A 316 8.30 7.36 4.90
CA LEU A 316 6.99 7.94 4.71
C LEU A 316 7.17 9.28 3.99
N MET A 317 7.03 9.23 2.66
CA MET A 317 7.21 10.38 1.80
C MET A 317 6.06 11.37 1.97
N GLU A 318 4.81 10.88 2.22
CA GLU A 318 3.67 11.79 2.32
C GLU A 318 2.58 11.19 3.22
N HIS A 319 1.96 12.12 3.94
CA HIS A 319 0.68 11.98 4.60
C HIS A 319 0.20 13.40 4.89
N SER A 320 -0.91 13.55 5.63
CA SER A 320 -1.54 14.86 5.81
C SER A 320 -1.60 15.23 7.28
N THR A 321 -1.37 16.51 7.57
CA THR A 321 -1.55 17.01 8.92
C THR A 321 -3.01 16.98 9.34
N SER A 322 -3.90 17.18 8.36
CA SER A 322 -5.33 17.19 8.60
C SER A 322 -6.05 16.81 7.30
N ALA A 323 -7.02 17.60 6.83
CA ALA A 323 -7.84 17.21 5.70
C ALA A 323 -7.03 17.21 4.40
N VAL A 324 -7.41 16.31 3.48
CA VAL A 324 -6.94 16.35 2.10
C VAL A 324 -7.94 17.16 1.27
N ASN A 325 -7.71 17.34 -0.06
CA ASN A 325 -8.57 18.12 -0.92
C ASN A 325 -9.45 17.23 -1.80
N TRP A 326 -9.16 15.94 -1.92
CA TRP A 326 -9.59 15.13 -3.05
C TRP A 326 -10.73 14.16 -2.78
N ARG A 327 -11.28 14.15 -1.56
CA ARG A 327 -12.46 13.36 -1.27
C ARG A 327 -13.71 14.21 -1.49
N PRO A 328 -14.91 13.58 -1.64
CA PRO A 328 -16.14 14.36 -1.77
C PRO A 328 -16.46 15.15 -0.49
N THR A 329 -16.09 14.58 0.67
CA THR A 329 -16.17 15.25 1.98
C THR A 329 -14.81 15.13 2.64
N ASN A 330 -14.08 16.25 2.76
CA ASN A 330 -12.71 16.22 3.30
C ASN A 330 -12.70 16.44 4.83
N TYR A 331 -12.94 15.34 5.56
CA TYR A 331 -12.95 15.34 7.03
C TYR A 331 -11.58 15.77 7.55
N ARG A 332 -11.55 16.47 8.70
CA ARG A 332 -10.34 16.87 9.38
C ARG A 332 -9.84 15.77 10.29
N LEU A 333 -8.59 15.86 10.76
CA LEU A 333 -8.05 15.07 11.85
C LEU A 333 -8.55 15.63 13.19
N GLU A 334 -8.74 14.72 14.15
CA GLU A 334 -9.11 15.11 15.50
C GLU A 334 -7.86 15.46 16.30
N PRO A 335 -7.99 16.14 17.48
CA PRO A 335 -6.85 16.48 18.32
C PRO A 335 -6.06 15.22 18.66
N GLY A 336 -4.73 15.33 18.60
CA GLY A 336 -3.84 14.21 18.88
C GLY A 336 -3.49 13.31 17.68
N GLU A 337 -4.33 13.32 16.63
CA GLU A 337 -4.17 12.37 15.52
C GLU A 337 -2.96 12.71 14.64
N LEU A 338 -2.56 13.99 14.57
CA LEU A 338 -1.37 14.35 13.82
C LEU A 338 -0.17 13.58 14.38
N VAL A 339 0.09 13.73 15.69
CA VAL A 339 1.19 13.02 16.31
C VAL A 339 0.99 11.49 16.20
N ARG A 340 -0.23 11.01 16.48
CA ARG A 340 -0.49 9.57 16.58
C ARG A 340 -0.23 8.91 15.23
N ASP A 341 -0.78 9.50 14.15
CA ASP A 341 -0.67 8.95 12.80
C ASP A 341 0.78 8.82 12.40
N SER A 342 1.57 9.84 12.72
CA SER A 342 2.98 9.85 12.35
C SER A 342 3.71 8.72 13.09
N LEU A 343 3.38 8.51 14.39
CA LEU A 343 4.08 7.51 15.15
C LEU A 343 3.58 6.13 14.72
N ALA A 344 2.39 6.02 14.14
CA ALA A 344 1.92 4.74 13.65
C ALA A 344 2.82 4.23 12.54
N HIS A 345 3.08 5.10 11.56
CA HIS A 345 4.01 4.75 10.49
C HIS A 345 5.39 4.45 11.05
N LEU A 346 5.83 5.28 12.01
CA LEU A 346 7.14 5.08 12.64
C LEU A 346 7.22 3.69 13.28
N ALA A 347 6.14 3.31 14.00
CA ALA A 347 6.05 2.05 14.71
C ALA A 347 6.22 0.87 13.75
N MET A 348 5.61 1.02 12.55
CA MET A 348 5.63 -0.02 11.54
C MET A 348 6.90 0.03 10.69
N GLY A 349 7.91 0.80 11.10
CA GLY A 349 9.26 0.64 10.56
C GLY A 349 9.83 1.83 9.77
N ALA A 350 9.09 2.96 9.62
CA ALA A 350 9.62 4.10 8.91
C ALA A 350 10.76 4.73 9.70
N ASP A 351 11.80 5.15 9.00
CA ASP A 351 12.87 5.96 9.55
C ASP A 351 12.86 7.38 8.95
N ALA A 352 11.70 7.73 8.37
CA ALA A 352 11.49 9.08 7.87
C ALA A 352 9.99 9.34 7.87
N ILE A 353 9.65 10.57 8.22
CA ILE A 353 8.29 10.98 8.40
C ILE A 353 8.11 12.31 7.69
N CYS A 354 7.34 12.31 6.59
CA CYS A 354 7.23 13.50 5.77
C CYS A 354 5.79 13.68 5.34
N TYR A 355 5.45 14.95 5.16
CA TYR A 355 4.12 15.38 4.75
C TYR A 355 4.08 15.94 3.33
N PHE A 356 2.88 15.84 2.71
CA PHE A 356 2.46 16.78 1.69
C PHE A 356 1.56 17.80 2.37
N GLN A 357 1.97 19.08 2.52
CA GLN A 357 3.22 19.68 2.10
C GLN A 357 3.62 20.69 3.19
N TRP A 358 4.76 21.33 3.02
CA TRP A 358 5.31 22.26 4.00
C TRP A 358 4.39 23.48 4.20
N ARG A 359 4.09 24.21 3.12
CA ARG A 359 3.23 25.40 3.23
C ARG A 359 1.96 25.21 2.38
N GLN A 360 0.82 25.43 3.01
CA GLN A 360 -0.47 25.30 2.33
C GLN A 360 -0.55 26.29 1.15
N SER A 361 -0.84 25.76 -0.05
CA SER A 361 -0.99 26.57 -1.26
C SER A 361 -2.17 27.55 -1.12
N LYS A 362 -1.97 28.78 -1.59
CA LYS A 362 -3.04 29.75 -1.54
C LYS A 362 -3.85 29.76 -2.83
N ALA A 363 -3.36 29.08 -3.90
CA ALA A 363 -4.06 29.00 -5.16
C ALA A 363 -3.80 27.65 -5.80
N GLY A 364 -4.68 27.29 -6.74
CA GLY A 364 -4.57 26.01 -7.42
C GLY A 364 -5.40 24.90 -6.78
N ALA A 365 -5.37 23.74 -7.49
CA ALA A 365 -6.27 22.65 -7.19
C ALA A 365 -6.08 22.04 -5.81
N GLU A 366 -4.92 22.16 -5.15
CA GLU A 366 -4.77 21.64 -3.79
C GLU A 366 -4.66 22.76 -2.74
N LYS A 367 -5.26 23.94 -2.98
CA LYS A 367 -5.21 24.96 -1.93
C LYS A 367 -5.95 24.47 -0.65
N TRP A 368 -6.90 23.56 -0.75
CA TRP A 368 -7.67 23.11 0.43
C TRP A 368 -7.07 21.84 1.09
N HIS A 369 -5.93 21.42 0.56
CA HIS A 369 -5.15 20.35 1.17
C HIS A 369 -4.32 20.93 2.31
N SER A 370 -4.52 20.35 3.52
CA SER A 370 -3.76 20.69 4.72
C SER A 370 -2.27 20.64 4.48
N ALA A 371 -1.54 21.38 5.33
CA ALA A 371 -0.09 21.46 5.30
C ALA A 371 0.47 21.66 6.71
N MET A 372 1.81 21.66 6.81
CA MET A 372 2.51 21.85 8.05
C MET A 372 2.38 23.31 8.52
N VAL A 373 2.45 24.26 7.58
CA VAL A 373 2.10 25.65 7.79
C VAL A 373 0.79 25.93 7.09
N PRO A 374 -0.35 25.90 7.82
CA PRO A 374 -1.68 26.11 7.23
C PRO A 374 -1.83 27.54 6.69
N HIS A 375 -2.95 27.80 6.00
CA HIS A 375 -3.28 29.15 5.65
C HIS A 375 -3.23 30.06 6.87
N ALA A 376 -3.69 29.55 8.04
CA ALA A 376 -3.77 30.30 9.27
C ALA A 376 -2.39 30.76 9.78
N GLY A 377 -1.33 30.08 9.30
CA GLY A 377 0.04 30.44 9.65
C GLY A 377 0.59 29.62 10.81
N PRO A 378 1.81 29.98 11.26
CA PRO A 378 2.48 29.30 12.39
C PRO A 378 1.76 29.41 13.74
N ASP A 379 0.90 30.43 13.90
CA ASP A 379 0.09 30.49 15.11
C ASP A 379 -1.18 29.63 14.92
N SER A 380 -1.01 28.31 14.99
CA SER A 380 -2.04 27.33 14.69
C SER A 380 -1.74 26.05 15.47
N GLN A 381 -2.80 25.34 15.86
CA GLN A 381 -2.65 24.05 16.53
C GLN A 381 -1.86 23.08 15.64
N ILE A 382 -2.07 23.14 14.31
CA ILE A 382 -1.33 22.24 13.43
C ILE A 382 0.18 22.52 13.55
N PHE A 383 0.59 23.79 13.47
CA PHE A 383 2.02 24.07 13.50
C PHE A 383 2.63 23.72 14.86
N ARG A 384 1.86 23.92 15.95
CA ARG A 384 2.38 23.54 17.25
C ARG A 384 2.61 22.03 17.31
N ASP A 385 1.63 21.28 16.80
CA ASP A 385 1.72 19.84 16.77
C ASP A 385 2.88 19.39 15.91
N VAL A 386 3.11 20.10 14.80
CA VAL A 386 4.24 19.76 13.94
C VAL A 386 5.55 19.94 14.71
N CYS A 387 5.65 21.03 15.48
CA CYS A 387 6.86 21.26 16.26
C CYS A 387 7.05 20.18 17.34
N GLU A 388 5.95 19.80 18.00
CA GLU A 388 5.96 18.78 19.04
C GLU A 388 6.42 17.43 18.49
N LEU A 389 5.89 17.05 17.31
CA LEU A 389 6.32 15.83 16.63
C LEU A 389 7.81 15.89 16.32
N GLY A 390 8.30 17.03 15.83
CA GLY A 390 9.72 17.20 15.53
C GLY A 390 10.62 16.89 16.74
N ALA A 391 10.22 17.38 17.93
CA ALA A 391 10.98 17.15 19.15
C ALA A 391 10.88 15.67 19.54
N ASP A 392 9.70 15.06 19.33
CA ASP A 392 9.47 13.64 19.58
C ASP A 392 10.42 12.77 18.76
N LEU A 393 10.58 13.09 17.46
CA LEU A 393 11.40 12.26 16.61
C LEU A 393 12.88 12.45 16.97
N ASN A 394 13.29 13.65 17.39
CA ASN A 394 14.67 13.84 17.85
C ASN A 394 14.94 12.94 19.06
N LYS A 395 13.99 12.89 20.01
CA LYS A 395 14.14 12.09 21.21
C LYS A 395 14.29 10.62 20.87
N LEU A 396 13.41 10.12 20.00
CA LEU A 396 13.43 8.70 19.68
C LEU A 396 14.71 8.27 19.00
N ALA A 397 15.26 9.14 18.12
CA ALA A 397 16.54 8.85 17.50
C ALA A 397 17.69 8.88 18.51
N ASP A 398 17.68 9.86 19.45
CA ASP A 398 18.64 9.90 20.56
C ASP A 398 18.63 8.59 21.35
N GLU A 399 17.45 7.93 21.42
CA GLU A 399 17.26 6.75 22.24
C GLU A 399 17.50 5.42 21.49
N GLY A 400 17.92 5.50 20.21
CA GLY A 400 18.39 4.36 19.43
C GLY A 400 17.35 3.72 18.49
N LEU A 401 16.26 4.41 18.12
CA LEU A 401 15.25 3.79 17.26
C LEU A 401 15.78 3.52 15.82
N LEU A 402 16.72 4.30 15.30
CA LEU A 402 17.08 4.19 13.89
C LEU A 402 17.63 2.79 13.58
N SER A 403 17.20 2.24 12.44
CA SER A 403 17.68 0.97 11.91
C SER A 403 17.10 -0.25 12.62
N THR A 404 16.41 -0.07 13.77
CA THR A 404 15.58 -1.14 14.32
C THR A 404 14.52 -1.54 13.28
N LYS A 405 14.01 -2.75 13.41
CA LYS A 405 13.09 -3.31 12.44
C LYS A 405 11.81 -3.75 13.13
N LEU A 406 10.70 -3.71 12.35
CA LEU A 406 9.44 -4.23 12.87
C LEU A 406 9.63 -5.71 13.15
N VAL A 407 9.22 -6.11 14.37
CA VAL A 407 9.45 -7.45 14.85
C VAL A 407 8.59 -8.43 14.06
N LYS A 408 9.06 -9.67 13.93
CA LYS A 408 8.29 -10.68 13.19
C LYS A 408 7.05 -11.08 13.99
N SER A 409 5.89 -11.05 13.35
CA SER A 409 4.65 -11.49 13.95
C SER A 409 4.57 -13.01 13.94
N LYS A 410 3.65 -13.58 14.74
CA LYS A 410 3.28 -14.98 14.58
C LYS A 410 2.51 -15.21 13.27
N VAL A 411 1.84 -14.18 12.72
CA VAL A 411 0.86 -14.40 11.66
C VAL A 411 1.26 -13.53 10.46
N ALA A 412 1.30 -14.14 9.26
CA ALA A 412 1.45 -13.41 8.00
C ALA A 412 0.13 -13.39 7.25
N ILE A 413 -0.35 -12.20 6.96
CA ILE A 413 -1.50 -12.03 6.09
C ILE A 413 -1.00 -11.78 4.66
N VAL A 414 -1.40 -12.62 3.73
CA VAL A 414 -0.88 -12.55 2.38
C VAL A 414 -1.68 -11.55 1.55
N PHE A 415 -0.98 -10.72 0.77
CA PHE A 415 -1.56 -9.73 -0.12
C PHE A 415 -0.97 -9.90 -1.53
N ASP A 416 -1.85 -9.93 -2.54
CA ASP A 416 -1.46 -10.09 -3.94
C ASP A 416 -2.12 -9.04 -4.82
N TYR A 417 -1.36 -8.09 -5.36
CA TYR A 417 -1.88 -7.07 -6.29
C TYR A 417 -2.65 -7.70 -7.46
N GLU A 418 -2.13 -8.81 -7.98
CA GLU A 418 -2.73 -9.53 -9.10
C GLU A 418 -4.05 -10.21 -8.74
N SER A 419 -4.17 -10.71 -7.50
CA SER A 419 -5.45 -11.27 -7.11
C SER A 419 -6.54 -10.20 -7.06
N GLN A 420 -6.20 -9.02 -6.55
CA GLN A 420 -7.12 -7.91 -6.63
C GLN A 420 -7.55 -7.68 -8.06
N TRP A 421 -6.60 -7.55 -8.98
CA TRP A 421 -6.96 -7.29 -10.36
C TRP A 421 -7.93 -8.34 -10.89
N ALA A 422 -7.63 -9.62 -10.60
CA ALA A 422 -8.51 -10.69 -11.07
C ALA A 422 -9.95 -10.53 -10.54
N THR A 423 -10.11 -10.06 -9.30
CA THR A 423 -11.42 -9.93 -8.73
C THR A 423 -12.13 -8.69 -9.29
N GLU A 424 -11.50 -7.89 -10.15
CA GLU A 424 -12.11 -6.64 -10.63
C GLU A 424 -12.92 -6.87 -11.92
N HIS A 425 -12.87 -8.05 -12.50
CA HIS A 425 -13.62 -8.29 -13.71
C HIS A 425 -15.10 -8.08 -13.43
N THR A 426 -15.88 -7.72 -14.47
CA THR A 426 -17.29 -7.39 -14.28
C THR A 426 -18.23 -8.60 -14.40
N ALA A 427 -17.68 -9.81 -14.58
CA ALA A 427 -18.52 -11.01 -14.72
C ALA A 427 -18.08 -12.11 -13.73
N THR A 428 -17.58 -11.68 -12.57
CA THR A 428 -17.29 -12.54 -11.44
C THR A 428 -18.58 -12.91 -10.72
N PRO A 429 -18.53 -13.88 -9.78
CA PRO A 429 -19.74 -14.18 -9.01
C PRO A 429 -20.44 -12.99 -8.39
N THR A 430 -19.69 -11.99 -7.89
CA THR A 430 -20.33 -10.80 -7.39
C THR A 430 -19.36 -9.64 -7.33
N GLN A 431 -19.83 -8.49 -7.79
CA GLN A 431 -19.05 -7.26 -7.72
C GLN A 431 -18.82 -6.76 -6.30
N GLU A 432 -19.53 -7.32 -5.30
CA GLU A 432 -19.36 -6.90 -3.93
C GLU A 432 -18.09 -7.51 -3.29
N VAL A 433 -17.47 -8.49 -3.95
CA VAL A 433 -16.29 -9.17 -3.41
C VAL A 433 -15.08 -8.78 -4.23
N ARG A 434 -14.06 -8.26 -3.56
CA ARG A 434 -12.76 -7.99 -4.13
C ARG A 434 -11.73 -8.55 -3.15
N HIS A 435 -10.53 -8.81 -3.66
CA HIS A 435 -9.47 -9.34 -2.80
C HIS A 435 -9.17 -8.39 -1.63
N TRP A 436 -9.12 -7.08 -1.86
CA TRP A 436 -8.40 -6.21 -0.93
C TRP A 436 -9.02 -6.05 0.48
N THR A 437 -10.33 -6.24 0.60
CA THR A 437 -11.02 -6.00 1.89
C THR A 437 -10.69 -7.12 2.87
N GLU A 438 -10.56 -8.38 2.41
CA GLU A 438 -10.44 -9.52 3.32
C GLU A 438 -9.15 -9.43 4.16
N PRO A 439 -7.97 -9.15 3.60
CA PRO A 439 -6.77 -9.02 4.42
C PRO A 439 -6.86 -7.94 5.49
N LEU A 440 -7.53 -6.81 5.15
CA LEU A 440 -7.70 -5.74 6.11
C LEU A 440 -8.62 -6.24 7.25
N ASP A 441 -9.68 -6.96 6.91
CA ASP A 441 -10.66 -7.45 7.89
C ASP A 441 -9.93 -8.40 8.84
N TRP A 442 -9.04 -9.24 8.32
CA TRP A 442 -8.25 -10.15 9.15
C TRP A 442 -7.30 -9.39 10.09
N PHE A 443 -6.61 -8.38 9.55
CA PHE A 443 -5.71 -7.57 10.36
C PHE A 443 -6.45 -7.04 11.59
N ARG A 444 -7.65 -6.49 11.38
CA ARG A 444 -8.43 -5.86 12.42
C ARG A 444 -9.00 -6.92 13.38
N ALA A 445 -9.49 -8.06 12.87
CA ALA A 445 -10.03 -9.12 13.72
C ALA A 445 -8.93 -9.72 14.61
N LEU A 446 -7.72 -9.83 14.05
CA LEU A 446 -6.59 -10.36 14.80
C LEU A 446 -6.17 -9.37 15.89
N ALA A 447 -6.16 -8.06 15.57
CA ALA A 447 -5.89 -7.06 16.58
C ALA A 447 -6.93 -7.15 17.71
N ASP A 448 -8.20 -7.41 17.39
CA ASP A 448 -9.27 -7.51 18.38
C ASP A 448 -8.98 -8.66 19.36
N ASN A 449 -8.19 -9.64 18.90
CA ASN A 449 -7.83 -10.81 19.69
C ASN A 449 -6.43 -10.67 20.28
N GLY A 450 -5.85 -9.46 20.23
CA GLY A 450 -4.58 -9.21 20.88
C GLY A 450 -3.36 -9.58 20.07
N LEU A 451 -3.50 -9.64 18.73
CA LEU A 451 -2.40 -10.10 17.90
C LEU A 451 -2.16 -9.09 16.77
N THR A 452 -0.92 -8.57 16.67
CA THR A 452 -0.51 -7.69 15.58
C THR A 452 0.11 -8.55 14.47
N ALA A 453 -0.60 -8.71 13.35
CA ALA A 453 -0.12 -9.50 12.21
C ALA A 453 0.93 -8.71 11.44
N ASP A 454 1.77 -9.45 10.72
CA ASP A 454 2.53 -8.92 9.58
C ASP A 454 1.67 -9.07 8.32
N VAL A 455 1.81 -8.11 7.38
CA VAL A 455 1.16 -8.17 6.09
C VAL A 455 2.23 -8.39 5.03
N VAL A 456 2.18 -9.56 4.40
CA VAL A 456 3.31 -10.02 3.61
C VAL A 456 2.86 -10.18 2.19
N PRO A 457 3.52 -9.51 1.23
CA PRO A 457 3.23 -9.75 -0.18
C PRO A 457 3.42 -11.21 -0.59
N VAL A 458 2.60 -11.70 -1.53
CA VAL A 458 2.68 -13.13 -1.91
C VAL A 458 4.09 -13.59 -2.34
N ARG A 459 4.89 -12.73 -3.00
CA ARG A 459 6.25 -13.10 -3.33
C ARG A 459 7.14 -13.24 -2.09
N GLY A 460 6.75 -12.60 -0.97
CA GLY A 460 7.57 -12.55 0.23
C GLY A 460 7.51 -13.84 1.05
N PRO A 461 8.28 -13.87 2.18
CA PRO A 461 8.52 -15.11 2.95
C PRO A 461 7.40 -15.45 3.95
N TRP A 462 6.13 -15.43 3.49
CA TRP A 462 5.01 -15.76 4.38
C TRP A 462 5.10 -17.22 4.89
N ASP A 463 5.78 -18.06 4.13
CA ASP A 463 5.92 -19.47 4.46
C ASP A 463 6.99 -19.69 5.54
N GLU A 464 7.55 -18.62 6.12
CA GLU A 464 8.46 -18.78 7.24
C GLU A 464 7.72 -18.47 8.54
N TYR A 465 6.41 -18.22 8.46
CA TYR A 465 5.68 -17.78 9.64
C TYR A 465 5.01 -18.94 10.37
N GLU A 466 4.74 -18.72 11.65
CA GLU A 466 4.00 -19.72 12.43
C GLU A 466 2.60 -20.00 11.88
N ALA A 467 1.90 -18.95 11.45
CA ALA A 467 0.59 -19.07 10.83
C ALA A 467 0.46 -18.08 9.68
N VAL A 468 -0.44 -18.39 8.73
CA VAL A 468 -0.56 -17.67 7.47
C VAL A 468 -2.05 -17.55 7.11
N VAL A 469 -2.44 -16.36 6.63
CA VAL A 469 -3.81 -16.12 6.13
C VAL A 469 -3.78 -15.92 4.61
N LEU A 470 -4.64 -16.69 3.92
CA LEU A 470 -4.96 -16.53 2.51
C LEU A 470 -6.35 -15.87 2.46
N PRO A 471 -6.41 -14.53 2.32
CA PRO A 471 -7.66 -13.77 2.43
C PRO A 471 -8.25 -13.37 1.11
N SER A 472 -9.25 -14.12 0.66
CA SER A 472 -9.86 -13.95 -0.65
C SER A 472 -8.77 -13.85 -1.72
N LEU A 473 -7.81 -14.78 -1.61
CA LEU A 473 -6.64 -14.75 -2.49
C LEU A 473 -6.97 -15.52 -3.78
N ALA A 474 -7.60 -14.80 -4.71
CA ALA A 474 -8.37 -15.43 -5.79
C ALA A 474 -7.47 -16.27 -6.70
N ILE A 475 -6.25 -15.77 -6.95
CA ILE A 475 -5.27 -16.49 -7.73
C ILE A 475 -4.40 -17.35 -6.82
N LEU A 476 -4.28 -18.64 -7.16
CA LEU A 476 -3.15 -19.47 -6.76
C LEU A 476 -2.49 -20.09 -7.97
N SER A 477 -1.28 -19.60 -8.26
CA SER A 477 -0.51 -20.12 -9.36
C SER A 477 -0.06 -21.52 -8.95
N GLU A 478 0.54 -22.25 -9.89
CA GLU A 478 1.11 -23.56 -9.61
C GLU A 478 2.19 -23.43 -8.52
N GLN A 479 2.95 -22.36 -8.60
CA GLN A 479 4.05 -22.11 -7.65
C GLN A 479 3.49 -21.85 -6.23
N THR A 480 2.55 -20.93 -6.12
CA THR A 480 1.98 -20.58 -4.83
C THR A 480 1.27 -21.79 -4.23
N THR A 481 0.56 -22.57 -5.07
CA THR A 481 -0.12 -23.78 -4.66
C THR A 481 0.90 -24.71 -3.98
N ARG A 482 2.02 -24.92 -4.65
CA ARG A 482 3.08 -25.80 -4.11
C ARG A 482 3.58 -25.26 -2.77
N ARG A 483 3.76 -23.95 -2.70
CA ARG A 483 4.25 -23.35 -1.46
C ARG A 483 3.23 -23.57 -0.33
N VAL A 484 1.94 -23.43 -0.61
CA VAL A 484 0.90 -23.61 0.39
C VAL A 484 0.87 -25.07 0.88
N ARG A 485 0.84 -26.01 -0.07
CA ARG A 485 0.74 -27.40 0.26
C ARG A 485 1.94 -27.82 1.13
N GLU A 486 3.13 -27.41 0.76
CA GLU A 486 4.32 -27.78 1.51
C GLU A 486 4.35 -27.10 2.87
N TYR A 487 3.92 -25.84 2.94
CA TYR A 487 3.92 -25.08 4.19
C TYR A 487 3.06 -25.82 5.24
N VAL A 488 1.87 -26.25 4.84
CA VAL A 488 0.96 -26.86 5.82
C VAL A 488 1.44 -28.27 6.18
N ALA A 489 1.83 -29.06 5.20
CA ALA A 489 2.19 -30.45 5.42
C ALA A 489 3.38 -30.56 6.39
N ASN A 490 4.25 -29.55 6.37
CA ASN A 490 5.44 -29.53 7.20
C ASN A 490 5.16 -29.01 8.60
N GLY A 491 3.95 -28.50 8.88
CA GLY A 491 3.54 -28.11 10.23
C GLY A 491 3.01 -26.67 10.31
N GLY A 492 2.86 -26.00 9.15
CA GLY A 492 2.30 -24.65 9.17
C GLY A 492 0.84 -24.68 9.62
N LYS A 493 0.36 -23.51 10.01
CA LYS A 493 -1.01 -23.31 10.40
C LYS A 493 -1.62 -22.26 9.46
N LEU A 494 -2.66 -22.63 8.73
CA LEU A 494 -3.19 -21.85 7.62
C LEU A 494 -4.65 -21.53 7.85
N PHE A 495 -5.03 -20.29 7.52
CA PHE A 495 -6.40 -19.85 7.37
C PHE A 495 -6.63 -19.54 5.90
N VAL A 496 -7.71 -20.10 5.34
CA VAL A 496 -8.13 -19.89 3.97
C VAL A 496 -9.59 -19.40 4.00
N THR A 497 -9.93 -18.41 3.16
CA THR A 497 -11.31 -17.93 3.09
C THR A 497 -11.92 -18.25 1.72
N TYR A 498 -13.24 -18.08 1.62
CA TYR A 498 -13.98 -17.91 0.38
C TYR A 498 -13.22 -16.99 -0.58
N TYR A 499 -13.45 -17.24 -1.87
CA TYR A 499 -12.81 -16.52 -2.98
C TYR A 499 -11.29 -16.68 -2.98
N THR A 500 -10.78 -17.80 -2.43
CA THR A 500 -9.36 -18.11 -2.51
C THR A 500 -9.11 -19.27 -3.49
N GLY A 501 -8.11 -19.12 -4.38
CA GLY A 501 -7.70 -20.23 -5.19
C GLY A 501 -8.71 -20.64 -6.23
N LEU A 502 -9.51 -19.66 -6.71
CA LEU A 502 -10.47 -19.98 -7.73
C LEU A 502 -9.76 -20.27 -9.08
N VAL A 503 -8.72 -19.48 -9.35
CA VAL A 503 -8.08 -19.47 -10.67
C VAL A 503 -6.56 -19.64 -10.53
N ASP A 504 -5.87 -19.91 -11.66
CA ASP A 504 -4.45 -19.76 -11.71
C ASP A 504 -4.09 -18.34 -12.24
N ASP A 505 -2.81 -18.12 -12.54
CA ASP A 505 -2.32 -16.78 -12.87
C ASP A 505 -2.74 -16.36 -14.27
N ARG A 506 -3.34 -17.26 -15.06
CA ARG A 506 -3.90 -16.90 -16.36
C ARG A 506 -5.39 -16.55 -16.24
N ASP A 507 -6.00 -16.66 -15.03
CA ASP A 507 -7.43 -16.54 -14.80
C ASP A 507 -8.18 -17.74 -15.38
N HIS A 508 -7.53 -18.90 -15.49
CA HIS A 508 -8.20 -20.17 -15.77
C HIS A 508 -8.67 -20.79 -14.43
N VAL A 509 -9.88 -21.29 -14.39
CA VAL A 509 -10.44 -21.90 -13.19
C VAL A 509 -9.76 -23.24 -12.91
N TRP A 510 -9.43 -23.47 -11.62
CA TRP A 510 -9.03 -24.79 -11.17
C TRP A 510 -10.27 -25.68 -11.02
N LEU A 511 -10.32 -26.77 -11.82
CA LEU A 511 -11.53 -27.57 -11.94
C LEU A 511 -11.60 -28.61 -10.81
N GLY A 512 -12.77 -29.26 -10.73
CA GLY A 512 -13.00 -30.43 -9.89
C GLY A 512 -13.68 -30.12 -8.56
N GLY A 513 -13.99 -28.83 -8.31
CA GLY A 513 -14.46 -28.34 -7.02
C GLY A 513 -13.50 -27.28 -6.46
N TYR A 514 -14.03 -26.15 -6.02
CA TYR A 514 -13.21 -25.11 -5.43
C TYR A 514 -12.84 -25.42 -3.98
N PRO A 515 -11.70 -24.91 -3.44
CA PRO A 515 -10.60 -24.33 -4.22
C PRO A 515 -9.76 -25.41 -4.91
N GLY A 516 -9.71 -25.34 -6.26
CA GLY A 516 -9.41 -26.49 -7.12
C GLY A 516 -7.98 -27.02 -7.00
N SER A 517 -7.03 -26.21 -6.52
CA SER A 517 -5.63 -26.66 -6.41
C SER A 517 -5.25 -27.09 -4.98
N ILE A 518 -6.12 -26.81 -4.01
CA ILE A 518 -5.83 -27.09 -2.60
C ILE A 518 -7.01 -27.68 -1.83
N ARG A 519 -7.94 -28.40 -2.50
CA ARG A 519 -9.10 -28.97 -1.81
C ARG A 519 -8.70 -29.87 -0.64
N ASP A 520 -7.63 -30.64 -0.84
CA ASP A 520 -7.18 -31.61 0.14
C ASP A 520 -6.44 -30.94 1.30
N VAL A 521 -5.85 -29.74 1.09
CA VAL A 521 -5.23 -28.99 2.17
C VAL A 521 -6.30 -28.55 3.15
N VAL A 522 -7.42 -27.99 2.62
CA VAL A 522 -8.48 -27.44 3.46
C VAL A 522 -9.51 -28.52 3.83
N GLY A 523 -9.48 -29.67 3.14
CA GLY A 523 -10.34 -30.81 3.43
C GLY A 523 -11.85 -30.54 3.24
N VAL A 524 -12.17 -29.68 2.26
CA VAL A 524 -13.53 -29.38 1.88
C VAL A 524 -13.61 -29.35 0.36
N ARG A 525 -14.82 -29.53 -0.20
CA ARG A 525 -15.04 -29.33 -1.62
C ARG A 525 -16.27 -28.45 -1.79
N VAL A 526 -16.08 -27.34 -2.53
CA VAL A 526 -17.14 -26.40 -2.84
C VAL A 526 -17.60 -26.64 -4.27
N GLU A 527 -18.91 -26.86 -4.46
CA GLU A 527 -19.44 -27.10 -5.79
C GLU A 527 -20.00 -25.84 -6.45
N GLU A 528 -20.41 -24.83 -5.67
CA GLU A 528 -20.84 -23.56 -6.22
C GLU A 528 -20.85 -22.50 -5.12
N PHE A 529 -21.25 -21.29 -5.52
CA PHE A 529 -21.28 -20.16 -4.61
C PHE A 529 -22.71 -19.68 -4.45
N ALA A 530 -22.96 -19.02 -3.30
CA ALA A 530 -24.23 -18.34 -3.03
C ALA A 530 -23.95 -16.88 -2.67
N PRO A 531 -23.70 -16.01 -3.66
CA PRO A 531 -23.68 -14.57 -3.42
C PRO A 531 -24.99 -14.10 -2.79
N MET A 532 -24.87 -12.99 -2.03
CA MET A 532 -25.98 -12.43 -1.28
C MET A 532 -26.00 -10.91 -1.41
N GLY A 533 -27.22 -10.36 -1.34
CA GLY A 533 -27.41 -8.94 -1.29
C GLY A 533 -28.90 -8.54 -1.28
N THR A 534 -29.11 -7.25 -1.58
CA THR A 534 -30.42 -6.63 -1.47
C THR A 534 -30.85 -5.94 -2.77
N ASP A 535 -30.45 -6.53 -3.90
CA ASP A 535 -30.62 -6.02 -5.25
C ASP A 535 -32.07 -5.97 -5.71
N ALA A 536 -32.90 -6.85 -5.15
CA ALA A 536 -34.30 -6.99 -5.53
C ALA A 536 -35.05 -7.49 -4.30
N PRO A 537 -36.38 -7.29 -4.23
CA PRO A 537 -37.12 -7.80 -3.08
C PRO A 537 -36.94 -9.31 -2.96
N GLY A 538 -36.75 -9.80 -1.72
CA GLY A 538 -36.74 -11.22 -1.48
C GLY A 538 -35.40 -11.88 -1.76
N THR A 539 -34.36 -11.13 -2.17
CA THR A 539 -33.04 -11.76 -2.31
C THR A 539 -32.49 -12.20 -0.95
N MET A 540 -31.73 -13.30 -0.94
CA MET A 540 -31.06 -13.78 0.26
C MET A 540 -29.95 -12.77 0.60
N ASP A 541 -30.02 -12.15 1.78
CA ASP A 541 -29.11 -11.06 2.13
C ASP A 541 -28.17 -11.37 3.29
N HIS A 542 -28.37 -12.52 3.97
CA HIS A 542 -27.47 -12.92 5.05
C HIS A 542 -27.62 -14.42 5.28
N LEU A 543 -26.64 -14.99 5.99
CA LEU A 543 -26.73 -16.36 6.51
C LEU A 543 -26.15 -16.37 7.92
N ASP A 544 -27.00 -16.72 8.91
CA ASP A 544 -26.56 -16.87 10.28
C ASP A 544 -25.61 -18.05 10.37
N LEU A 545 -24.63 -17.97 11.28
CA LEU A 545 -23.87 -19.15 11.68
C LEU A 545 -24.19 -19.53 13.14
N ASP A 546 -23.97 -20.79 13.51
CA ASP A 546 -24.32 -21.26 14.85
C ASP A 546 -23.26 -20.91 15.89
N ASN A 547 -22.25 -20.10 15.56
CA ASN A 547 -21.33 -19.54 16.54
C ASN A 547 -21.63 -18.06 16.81
N GLY A 548 -22.86 -17.63 16.52
CA GLY A 548 -23.29 -16.29 16.87
C GLY A 548 -22.77 -15.20 15.93
N THR A 549 -22.32 -15.58 14.72
CA THR A 549 -21.91 -14.60 13.71
C THR A 549 -22.86 -14.63 12.53
N VAL A 550 -22.73 -13.64 11.62
CA VAL A 550 -23.63 -13.52 10.49
C VAL A 550 -22.81 -13.31 9.21
N ALA A 551 -23.04 -14.13 8.19
CA ALA A 551 -22.42 -13.93 6.88
C ALA A 551 -23.20 -12.92 6.02
N HIS A 552 -22.46 -12.13 5.19
CA HIS A 552 -23.07 -11.27 4.20
C HIS A 552 -22.29 -11.43 2.89
N ASP A 553 -22.92 -11.02 1.78
CA ASP A 553 -22.29 -10.85 0.45
C ASP A 553 -21.97 -12.18 -0.23
N PHE A 554 -21.49 -13.21 0.50
CA PHE A 554 -20.99 -14.40 -0.16
C PHE A 554 -20.84 -15.56 0.81
N ALA A 555 -21.32 -16.72 0.39
CA ALA A 555 -21.04 -17.95 1.09
C ALA A 555 -20.74 -19.05 0.08
N ASP A 556 -19.87 -19.95 0.45
CA ASP A 556 -19.57 -21.19 -0.27
C ASP A 556 -20.59 -22.29 0.00
N VAL A 557 -20.91 -23.09 -1.03
CA VAL A 557 -21.68 -24.31 -0.88
C VAL A 557 -20.73 -25.51 -0.76
N ILE A 558 -20.43 -25.90 0.49
CA ILE A 558 -19.52 -27.01 0.80
C ILE A 558 -20.34 -28.28 0.83
N THR A 559 -19.98 -29.24 -0.04
CA THR A 559 -20.76 -30.45 -0.20
C THR A 559 -20.06 -31.67 0.39
N SER A 560 -18.77 -31.56 0.74
CA SER A 560 -18.16 -32.65 1.48
C SER A 560 -17.00 -32.12 2.30
N VAL A 561 -16.69 -32.88 3.38
CA VAL A 561 -15.68 -32.56 4.35
C VAL A 561 -14.85 -33.82 4.54
N ALA A 562 -13.52 -33.68 4.52
CA ALA A 562 -12.62 -34.82 4.60
C ALA A 562 -12.71 -35.48 5.99
N ASP A 563 -12.32 -36.76 6.03
CA ASP A 563 -12.33 -37.52 7.28
C ASP A 563 -11.34 -36.93 8.28
N THR A 564 -10.32 -36.21 7.76
CA THR A 564 -9.30 -35.55 8.60
C THR A 564 -9.70 -34.16 9.05
N ALA A 565 -10.92 -33.73 8.66
CA ALA A 565 -11.44 -32.42 9.00
C ALA A 565 -12.67 -32.54 9.93
N HIS A 566 -13.04 -31.45 10.58
CA HIS A 566 -14.30 -31.34 11.30
C HIS A 566 -14.85 -29.92 11.16
N VAL A 567 -16.16 -29.80 11.40
CA VAL A 567 -16.89 -28.55 11.26
C VAL A 567 -16.87 -27.83 12.58
N VAL A 568 -16.42 -26.58 12.55
CA VAL A 568 -16.33 -25.72 13.71
C VAL A 568 -17.62 -24.90 13.82
N ALA A 569 -18.20 -24.51 12.68
CA ALA A 569 -19.42 -23.75 12.65
C ALA A 569 -20.22 -24.09 11.40
N SER A 570 -21.53 -24.02 11.52
CA SER A 570 -22.51 -24.38 10.53
C SER A 570 -23.47 -23.23 10.35
N PHE A 571 -24.01 -23.12 9.12
CA PHE A 571 -25.04 -22.15 8.84
C PHE A 571 -26.35 -22.61 9.48
N LYS A 572 -27.17 -21.62 9.83
CA LYS A 572 -28.56 -21.80 10.19
C LYS A 572 -29.41 -20.96 9.25
N ALA A 573 -30.42 -21.59 8.63
CA ALA A 573 -31.15 -20.89 7.58
C ALA A 573 -32.51 -21.51 7.39
N ASP A 574 -33.37 -20.82 6.65
CA ASP A 574 -34.58 -21.43 6.12
C ASP A 574 -34.23 -22.67 5.30
N LYS A 575 -34.99 -23.75 5.50
CA LYS A 575 -34.71 -25.04 4.87
C LYS A 575 -34.58 -24.94 3.34
N TRP A 576 -35.47 -24.18 2.68
CA TRP A 576 -35.55 -24.16 1.22
C TRP A 576 -34.28 -23.59 0.58
N THR A 577 -33.47 -22.86 1.37
CA THR A 577 -32.23 -22.31 0.86
C THR A 577 -31.16 -23.38 0.61
N GLY A 578 -31.26 -24.53 1.29
CA GLY A 578 -30.23 -25.56 1.25
C GLY A 578 -29.09 -25.36 2.24
N PHE A 579 -29.07 -24.24 2.95
CA PHE A 579 -27.98 -23.91 3.83
C PHE A 579 -28.19 -24.40 5.28
N ASP A 580 -29.39 -24.85 5.67
CA ASP A 580 -29.58 -25.13 7.11
C ASP A 580 -28.69 -26.31 7.53
N GLY A 581 -27.76 -26.07 8.48
CA GLY A 581 -26.86 -27.12 8.94
C GLY A 581 -25.66 -27.37 8.01
N ALA A 582 -25.52 -26.57 6.95
CA ALA A 582 -24.38 -26.74 6.05
C ALA A 582 -23.11 -26.23 6.71
N PRO A 583 -21.92 -26.79 6.38
CA PRO A 583 -20.66 -26.34 6.96
C PRO A 583 -20.33 -24.90 6.57
N ALA A 584 -19.82 -24.11 7.52
CA ALA A 584 -19.45 -22.71 7.33
C ALA A 584 -17.97 -22.50 7.62
N ILE A 585 -17.49 -23.08 8.75
CA ILE A 585 -16.11 -23.00 9.17
C ILE A 585 -15.63 -24.41 9.49
N THR A 586 -14.48 -24.77 8.91
CA THR A 586 -13.88 -26.10 9.11
C THR A 586 -12.41 -25.97 9.49
N VAL A 587 -11.86 -27.09 10.05
CA VAL A 587 -10.43 -27.23 10.33
C VAL A 587 -9.99 -28.63 9.92
N ASN A 588 -8.92 -28.73 9.11
CA ASN A 588 -8.42 -29.98 8.57
C ASN A 588 -7.00 -30.24 9.04
N ASP A 589 -6.70 -31.50 9.36
CA ASP A 589 -5.33 -31.98 9.59
C ASP A 589 -4.75 -32.45 8.25
N PHE A 590 -3.63 -31.87 7.88
CA PHE A 590 -2.93 -32.09 6.61
C PHE A 590 -1.44 -32.21 6.90
N GLY A 591 -0.92 -33.42 6.81
CA GLY A 591 0.45 -33.63 7.23
C GLY A 591 0.62 -33.31 8.71
N ASP A 592 1.68 -32.59 9.09
CA ASP A 592 1.86 -32.16 10.46
C ASP A 592 1.17 -30.83 10.75
N GLY A 593 0.51 -30.21 9.78
CA GLY A 593 -0.11 -28.92 10.00
C GLY A 593 -1.63 -28.97 10.01
N LYS A 594 -2.23 -27.77 10.00
CA LYS A 594 -3.65 -27.63 10.02
C LYS A 594 -4.07 -26.46 9.14
N ALA A 595 -5.25 -26.61 8.55
CA ALA A 595 -5.84 -25.55 7.75
C ALA A 595 -7.31 -25.36 8.10
N ALA A 596 -7.64 -24.13 8.47
CA ALA A 596 -9.00 -23.67 8.72
C ALA A 596 -9.56 -23.06 7.44
N TYR A 597 -10.83 -23.31 7.15
CA TYR A 597 -11.51 -22.75 5.99
C TYR A 597 -12.75 -22.00 6.46
N VAL A 598 -12.80 -20.69 6.10
CA VAL A 598 -13.88 -19.79 6.42
C VAL A 598 -14.67 -19.50 5.13
N GLY A 599 -15.78 -20.24 4.98
CA GLY A 599 -16.59 -20.36 3.78
C GLY A 599 -17.56 -19.21 3.56
N ALA A 600 -17.33 -18.04 4.13
CA ALA A 600 -18.24 -16.93 3.93
C ALA A 600 -17.55 -15.66 4.38
N ARG A 601 -18.14 -14.53 3.99
CA ARG A 601 -17.67 -13.23 4.46
C ARG A 601 -18.30 -12.93 5.81
N LEU A 602 -17.47 -12.83 6.85
CA LEU A 602 -17.98 -12.62 8.19
C LEU A 602 -17.68 -11.20 8.66
N GLY A 603 -16.85 -10.43 7.90
CA GLY A 603 -16.51 -9.09 8.32
C GLY A 603 -15.51 -9.08 9.45
N ARG A 604 -15.06 -7.88 9.83
CA ARG A 604 -14.18 -7.72 10.96
C ARG A 604 -14.85 -8.31 12.24
N GLU A 605 -16.12 -8.04 12.44
CA GLU A 605 -16.78 -8.42 13.69
C GLU A 605 -16.97 -9.94 13.78
N GLY A 606 -17.40 -10.55 12.67
CA GLY A 606 -17.63 -11.98 12.59
C GLY A 606 -16.31 -12.75 12.74
N LEU A 607 -15.26 -12.31 12.05
CA LEU A 607 -13.95 -12.90 12.21
C LEU A 607 -13.46 -12.74 13.65
N ALA A 608 -13.66 -11.56 14.25
CA ALA A 608 -13.10 -11.35 15.59
C ALA A 608 -13.75 -12.32 16.61
N LYS A 609 -15.04 -12.59 16.42
CA LYS A 609 -15.80 -13.46 17.30
C LYS A 609 -15.53 -14.93 16.96
N SER A 610 -15.09 -15.24 15.72
CA SER A 610 -14.83 -16.62 15.31
C SER A 610 -13.41 -17.04 15.67
N LEU A 611 -12.52 -16.08 15.86
CA LEU A 611 -11.11 -16.39 15.99
C LEU A 611 -10.72 -17.11 17.28
N PRO A 612 -11.30 -16.82 18.48
CA PRO A 612 -10.84 -17.54 19.68
C PRO A 612 -10.83 -19.04 19.49
N ALA A 613 -11.93 -19.59 18.96
CA ALA A 613 -12.02 -21.01 18.67
C ALA A 613 -10.94 -21.45 17.70
N LEU A 614 -10.77 -20.69 16.60
CA LEU A 614 -9.79 -21.08 15.58
C LEU A 614 -8.35 -20.95 16.05
N LEU A 615 -8.02 -19.87 16.79
CA LEU A 615 -6.69 -19.72 17.34
C LEU A 615 -6.33 -20.90 18.27
N GLU A 616 -7.29 -21.34 19.09
CA GLU A 616 -7.10 -22.48 19.98
C GLU A 616 -6.87 -23.77 19.19
N GLU A 617 -7.72 -24.02 18.19
CA GLU A 617 -7.59 -25.22 17.37
C GLU A 617 -6.23 -25.26 16.66
N LEU A 618 -5.70 -24.10 16.22
CA LEU A 618 -4.43 -24.07 15.49
C LEU A 618 -3.22 -23.86 16.41
N GLY A 619 -3.45 -23.84 17.72
CA GLY A 619 -2.36 -23.69 18.68
C GLY A 619 -1.63 -22.36 18.59
N ILE A 620 -2.34 -21.26 18.30
CA ILE A 620 -1.70 -19.97 18.21
C ILE A 620 -2.01 -19.17 19.46
N GLU A 621 -0.98 -18.85 20.28
CA GLU A 621 -1.23 -18.29 21.61
C GLU A 621 -1.44 -16.77 21.51
N THR A 622 -2.35 -16.25 22.36
CA THR A 622 -2.63 -14.84 22.53
C THR A 622 -2.83 -14.52 24.02
N SER A 623 -2.90 -13.23 24.42
CA SER A 623 -3.16 -12.83 25.80
C SER A 623 -4.46 -13.42 26.34
N ALA A 624 -4.47 -13.68 27.65
CA ALA A 624 -5.70 -14.05 28.32
C ALA A 624 -6.45 -12.79 28.75
N GLU A 625 -5.78 -11.63 28.72
CA GLU A 625 -6.37 -10.39 29.20
C GLU A 625 -7.64 -10.04 28.43
N ASP A 626 -8.70 -9.66 29.15
CA ASP A 626 -9.97 -9.26 28.58
C ASP A 626 -9.85 -7.99 27.72
N ASP A 627 -8.89 -7.13 28.02
CA ASP A 627 -8.82 -5.85 27.35
C ASP A 627 -7.88 -5.92 26.14
N ARG A 628 -7.56 -7.15 25.66
CA ARG A 628 -6.45 -7.37 24.75
C ARG A 628 -6.63 -6.68 23.37
N GLY A 629 -7.88 -6.43 22.95
CA GLY A 629 -8.10 -5.77 21.67
C GLY A 629 -8.13 -4.23 21.75
N GLU A 630 -8.07 -3.66 22.96
CA GLU A 630 -8.21 -2.21 23.11
C GLU A 630 -7.04 -1.43 22.55
N VAL A 631 -5.82 -1.96 22.66
CA VAL A 631 -4.68 -1.26 22.10
C VAL A 631 -3.96 -2.12 21.07
N LEU A 632 -3.43 -1.44 20.02
CA LEU A 632 -2.53 -2.10 19.10
C LEU A 632 -1.12 -1.94 19.66
N ARG A 633 -0.44 -3.08 19.85
CA ARG A 633 0.94 -3.14 20.30
C ARG A 633 1.87 -3.38 19.09
N VAL A 634 2.78 -2.45 18.84
CA VAL A 634 3.70 -2.56 17.71
C VAL A 634 5.12 -2.43 18.23
N GLU A 635 5.98 -3.39 17.86
CA GLU A 635 7.34 -3.44 18.38
C GLU A 635 8.41 -3.32 17.29
N ARG A 636 9.50 -2.62 17.63
CA ARG A 636 10.70 -2.58 16.82
C ARG A 636 11.90 -2.96 17.70
N ALA A 637 12.84 -3.71 17.14
CA ALA A 637 14.07 -4.12 17.82
C ALA A 637 15.22 -4.14 16.84
N ASP A 638 16.46 -3.96 17.36
CA ASP A 638 17.64 -4.27 16.59
C ASP A 638 17.89 -5.77 16.62
N GLU A 639 18.89 -6.22 15.88
CA GLU A 639 19.14 -7.64 15.68
C GLU A 639 19.50 -8.33 17.00
N THR A 640 20.40 -7.74 17.79
CA THR A 640 20.75 -8.24 19.11
C THR A 640 19.53 -8.27 20.02
N GLY A 641 18.74 -7.18 20.04
CA GLY A 641 17.68 -7.01 21.01
C GLY A 641 18.04 -6.02 22.12
N GLU A 642 19.15 -5.29 21.98
CA GLU A 642 19.57 -4.30 22.96
C GLU A 642 18.74 -3.00 22.92
N ASN A 643 18.11 -2.73 21.76
CA ASN A 643 17.28 -1.57 21.59
C ASN A 643 15.90 -2.11 21.19
N HIS A 644 14.97 -2.18 22.13
CA HIS A 644 13.66 -2.74 21.90
C HIS A 644 12.62 -1.71 22.29
N PHE A 645 11.76 -1.33 21.32
CA PHE A 645 10.78 -0.28 21.51
C PHE A 645 9.38 -0.84 21.33
N VAL A 646 8.45 -0.43 22.20
CA VAL A 646 7.05 -0.80 22.11
C VAL A 646 6.22 0.47 21.95
N PHE A 647 5.37 0.47 20.92
CA PHE A 647 4.39 1.52 20.65
C PHE A 647 3.00 0.99 21.01
N LEU A 648 2.25 1.72 21.84
CA LEU A 648 0.92 1.32 22.25
C LEU A 648 -0.09 2.37 21.80
N PHE A 649 -1.01 1.94 20.95
CA PHE A 649 -2.00 2.83 20.38
C PHE A 649 -3.39 2.42 20.86
N ASN A 650 -4.11 3.39 21.42
CA ASN A 650 -5.50 3.17 21.72
C ASN A 650 -6.31 3.07 20.42
N ARG A 651 -7.02 1.96 20.22
CA ARG A 651 -7.88 1.78 19.07
C ARG A 651 -9.33 2.19 19.34
N THR A 652 -9.67 2.70 20.55
CA THR A 652 -11.06 2.83 20.97
C THR A 652 -11.38 4.28 21.32
N HIS A 653 -12.66 4.51 21.63
CA HIS A 653 -13.15 5.78 22.16
C HIS A 653 -13.38 5.70 23.70
N ASP A 654 -12.74 4.73 24.37
CA ASP A 654 -12.63 4.72 25.83
C ASP A 654 -11.19 5.03 26.24
N VAL A 655 -10.96 5.24 27.53
CA VAL A 655 -9.62 5.37 28.05
C VAL A 655 -9.07 3.97 28.20
N ALA A 656 -7.85 3.72 27.71
CA ALA A 656 -7.24 2.41 27.85
C ALA A 656 -6.14 2.50 28.89
N VAL A 657 -6.09 1.49 29.77
CA VAL A 657 -5.04 1.43 30.77
C VAL A 657 -4.07 0.33 30.36
N VAL A 658 -2.76 0.60 30.45
CA VAL A 658 -1.76 -0.37 30.07
C VAL A 658 -0.68 -0.39 31.15
N ASP A 659 0.06 -1.51 31.19
CA ASP A 659 1.29 -1.60 31.96
C ASP A 659 2.42 -0.92 31.20
N VAL A 660 3.37 -0.35 31.97
CA VAL A 660 4.55 0.30 31.46
C VAL A 660 5.76 -0.60 31.77
N GLU A 661 6.26 -1.29 30.74
CA GLU A 661 7.25 -2.34 30.90
C GLU A 661 8.67 -1.83 30.60
N GLY A 662 8.91 -0.54 30.76
CA GLY A 662 10.23 0.00 30.53
C GLY A 662 10.20 1.51 30.70
N GLU A 663 11.12 2.24 30.05
CA GLU A 663 11.17 3.68 30.18
C GLU A 663 10.25 4.36 29.16
N PRO A 664 9.25 5.15 29.61
CA PRO A 664 8.39 5.93 28.71
C PRO A 664 9.18 7.07 28.05
N LEU A 665 9.16 7.11 26.72
CA LEU A 665 9.96 8.07 25.98
C LEU A 665 9.07 9.18 25.42
N VAL A 666 7.91 8.78 24.87
CA VAL A 666 7.04 9.71 24.19
C VAL A 666 5.61 9.34 24.54
N ALA A 667 4.82 10.38 24.83
CA ALA A 667 3.44 10.16 25.17
C ALA A 667 2.61 11.25 24.52
N SER A 668 1.49 10.82 23.93
CA SER A 668 0.61 11.79 23.34
C SER A 668 -0.80 11.42 23.72
N LEU A 669 -1.50 12.33 24.43
CA LEU A 669 -2.77 12.04 25.09
C LEU A 669 -2.66 10.75 25.91
N ALA A 670 -1.57 10.63 26.68
CA ALA A 670 -1.37 9.53 27.59
C ALA A 670 -0.68 10.06 28.86
N GLN A 671 -1.11 9.51 30.00
CA GLN A 671 -0.58 9.84 31.31
C GLN A 671 -0.03 8.60 32.00
N VAL A 672 1.24 8.69 32.39
CA VAL A 672 1.96 7.61 33.05
C VAL A 672 1.86 7.84 34.56
N ASN A 673 1.69 6.75 35.29
CA ASN A 673 1.76 6.73 36.74
C ASN A 673 3.02 5.96 37.12
N GLU A 674 4.11 6.66 37.47
CA GLU A 674 5.37 5.99 37.83
C GLU A 674 5.16 4.98 38.96
N SER A 675 4.33 5.32 39.94
CA SER A 675 4.13 4.47 41.10
C SER A 675 3.73 3.09 40.63
N GLU A 676 2.57 3.02 39.95
CA GLU A 676 1.92 1.76 39.67
C GLU A 676 2.50 1.16 38.37
N HIS A 677 3.51 1.81 37.76
CA HIS A 677 4.00 1.49 36.42
C HIS A 677 2.81 1.22 35.47
N THR A 678 1.88 2.18 35.38
CA THR A 678 0.74 2.06 34.49
C THR A 678 0.58 3.37 33.70
N ALA A 679 -0.22 3.30 32.63
CA ALA A 679 -0.54 4.50 31.87
C ALA A 679 -1.98 4.42 31.39
N ALA A 680 -2.65 5.58 31.41
CA ALA A 680 -3.98 5.72 30.84
C ALA A 680 -3.86 6.42 29.49
N ILE A 681 -4.35 5.77 28.43
CA ILE A 681 -4.20 6.32 27.09
C ILE A 681 -5.58 6.81 26.68
N GLN A 682 -5.68 8.12 26.40
CA GLN A 682 -6.94 8.67 25.94
C GLN A 682 -7.24 8.14 24.55
N PRO A 683 -8.49 8.27 24.08
CA PRO A 683 -8.77 8.09 22.66
C PRO A 683 -7.79 8.92 21.84
N ASN A 684 -7.33 8.31 20.74
CA ASN A 684 -6.39 8.93 19.82
C ASN A 684 -4.99 9.09 20.41
N GLY A 685 -4.70 8.42 21.53
CA GLY A 685 -3.41 8.59 22.16
C GLY A 685 -2.46 7.44 21.87
N VAL A 686 -1.21 7.66 22.26
CA VAL A 686 -0.14 6.70 22.03
C VAL A 686 0.94 6.92 23.07
N LEU A 687 1.49 5.79 23.52
CA LEU A 687 2.66 5.78 24.38
C LEU A 687 3.75 4.93 23.73
N VAL A 688 4.98 5.44 23.80
CA VAL A 688 6.18 4.75 23.33
C VAL A 688 7.12 4.49 24.50
N VAL A 689 7.52 3.23 24.65
CA VAL A 689 8.37 2.76 25.73
C VAL A 689 9.60 2.04 25.18
N LYS A 690 10.76 2.22 25.83
CA LYS A 690 11.95 1.43 25.54
C LYS A 690 12.12 0.35 26.63
N LEU A 691 12.24 -0.92 26.23
CA LEU A 691 12.34 -2.05 27.15
C LEU A 691 13.74 -2.23 27.73
#